data_3LDO
#
_entry.id   3LDO
#
_cell.length_a   55.615
_cell.length_b   74.563
_cell.length_c   89.952
_cell.angle_alpha   90.00
_cell.angle_beta   98.54
_cell.angle_gamma   90.00
#
_symmetry.space_group_name_H-M   'P 1 21 1'
#
loop_
_entity.id
_entity.type
_entity.pdbx_description
1 polymer '78 kDa glucose-regulated protein'
2 non-polymer 'PHOSPHOAMINOPHOSPHONIC ACID-ADENYLATE ESTER'
3 water water
#
_entity_poly.entity_id   1
_entity_poly.type   'polypeptide(L)'
_entity_poly.pdbx_seq_one_letter_code
;GSDVGTVVGIDLGTTYSCVGVFKNGRVEIIANDQGNRITPSYVAFTPEGERLIGDAAKNQLTSNPENTVFDAKRLIGRTW
NDPSVQQDIKFLPFKVVEKKTKPYIQVDIGGGQTKTFAPEEISAMVLTKMKETAEAYLGKKVTHAVVTVPAYFNDAQRQA
TKDAGTIAGLNVMRIINEPTAAAIAYGLDKREGEKNILVFDLGGGTFDVSLLTIDNGVFEVVATNGDTHLGGEDFDQRVM
EHFIKLYKKKTGKDVRKDNRAVQKLRREVEKAKRALSSQHQARIEIESFYEGEDFSETLTRAKFEELNMDLFRSTMKPVQ
KVLEDSDLKKSDIDEIVLVGGSTRIPKIQQLVKEFFNGKEPSRGINPDEAVAYGAAVQAGVLSG
;
_entity_poly.pdbx_strand_id   A,B
#
loop_
_chem_comp.id
_chem_comp.type
_chem_comp.name
_chem_comp.formula
ANP non-polymer 'PHOSPHOAMINOPHOSPHONIC ACID-ADENYLATE ESTER' 'C10 H17 N6 O12 P3'
#
# COMPACT_ATOMS: atom_id res chain seq x y z
N ASP A 3 -16.21 -18.27 -9.81
CA ASP A 3 -15.86 -19.50 -10.60
C ASP A 3 -14.43 -19.42 -11.13
N VAL A 4 -13.80 -18.25 -10.94
CA VAL A 4 -12.43 -18.01 -11.39
C VAL A 4 -11.40 -18.46 -10.36
N GLY A 5 -11.87 -18.91 -9.18
CA GLY A 5 -10.98 -19.41 -8.15
C GLY A 5 -9.96 -18.38 -7.69
N THR A 6 -8.77 -18.83 -7.32
CA THR A 6 -7.70 -17.91 -6.99
C THR A 6 -6.90 -17.59 -8.26
N VAL A 7 -7.03 -16.35 -8.73
CA VAL A 7 -6.30 -15.97 -9.92
C VAL A 7 -4.88 -15.48 -9.59
N VAL A 8 -3.97 -15.80 -10.49
CA VAL A 8 -2.58 -15.54 -10.25
C VAL A 8 -2.14 -14.36 -11.12
N GLY A 9 -1.11 -13.64 -10.67
CA GLY A 9 -0.46 -12.62 -11.48
C GLY A 9 0.88 -13.13 -11.96
N ILE A 10 1.09 -13.13 -13.27
CA ILE A 10 2.31 -13.68 -13.83
C ILE A 10 3.08 -12.66 -14.69
N ASP A 11 4.34 -12.39 -14.30
CA ASP A 11 5.28 -11.74 -15.18
C ASP A 11 5.99 -12.80 -16.07
N LEU A 12 5.72 -12.72 -17.36
CA LEU A 12 6.36 -13.61 -18.35
C LEU A 12 7.52 -12.86 -18.98
N GLY A 13 8.72 -13.04 -18.44
CA GLY A 13 9.86 -12.23 -18.84
C GLY A 13 10.60 -12.83 -19.98
N THR A 14 11.41 -12.05 -20.68
CA THR A 14 12.26 -12.64 -21.72
C THR A 14 13.17 -13.70 -21.09
N THR A 15 13.74 -13.38 -19.95
CA THR A 15 14.79 -14.20 -19.30
C THR A 15 14.35 -14.91 -17.99
N TYR A 16 13.50 -14.24 -17.20
CA TYR A 16 12.98 -14.73 -15.89
C TYR A 16 11.54 -14.36 -15.65
N SER A 17 10.76 -15.34 -15.22
CA SER A 17 9.35 -15.14 -15.00
C SER A 17 9.03 -15.22 -13.48
N CYS A 18 7.95 -14.58 -13.05
CA CYS A 18 7.61 -14.44 -11.64
C CYS A 18 6.09 -14.61 -11.51
N VAL A 19 5.63 -15.21 -10.40
CA VAL A 19 4.20 -15.41 -10.14
C VAL A 19 3.89 -14.99 -8.71
N GLY A 20 2.82 -14.19 -8.58
CA GLY A 20 2.31 -13.83 -7.29
C GLY A 20 0.81 -14.08 -7.16
N VAL A 21 0.32 -13.91 -5.94
CA VAL A 21 -1.10 -14.16 -5.68
C VAL A 21 -1.52 -13.29 -4.50
N PHE A 22 -2.80 -12.96 -4.38
CA PHE A 22 -3.25 -12.17 -3.21
C PHE A 22 -3.90 -13.12 -2.23
N LYS A 23 -3.28 -13.23 -1.05
CA LYS A 23 -3.65 -14.22 -0.05
C LYS A 23 -3.49 -13.62 1.36
N ASN A 24 -4.53 -13.81 2.19
CA ASN A 24 -4.59 -13.15 3.50
C ASN A 24 -4.30 -11.65 3.48
N GLY A 25 -4.85 -10.94 2.51
CA GLY A 25 -4.80 -9.50 2.51
C GLY A 25 -3.53 -8.88 1.96
N ARG A 26 -2.73 -9.69 1.27
CA ARG A 26 -1.41 -9.22 0.91
C ARG A 26 -0.95 -9.99 -0.30
N VAL A 27 -0.23 -9.32 -1.19
CA VAL A 27 0.45 -10.07 -2.26
C VAL A 27 1.55 -10.95 -1.69
N GLU A 28 1.51 -12.23 -2.07
CA GLU A 28 2.64 -13.12 -1.86
C GLU A 28 3.30 -13.46 -3.19
N ILE A 29 4.59 -13.16 -3.33
CA ILE A 29 5.42 -13.74 -4.41
C ILE A 29 5.85 -15.17 -4.10
N ILE A 30 5.63 -16.06 -5.05
CA ILE A 30 5.84 -17.51 -4.81
C ILE A 30 7.20 -18.06 -5.32
N ALA A 31 7.92 -18.78 -4.43
CA ALA A 31 9.17 -19.46 -4.78
C ALA A 31 8.88 -20.74 -5.50
N ASN A 32 9.67 -21.03 -6.54
CA ASN A 32 9.51 -22.31 -7.25
C ASN A 32 10.12 -23.51 -6.46
N ASP A 33 10.11 -24.70 -7.08
CA ASP A 33 10.55 -25.93 -6.42
C ASP A 33 12.07 -26.01 -6.21
N GLN A 34 12.82 -25.10 -6.85
CA GLN A 34 14.23 -24.92 -6.51
C GLN A 34 14.42 -23.81 -5.45
N GLY A 35 13.31 -23.32 -4.88
CA GLY A 35 13.42 -22.33 -3.81
C GLY A 35 13.68 -20.91 -4.28
N ASN A 36 13.41 -20.60 -5.55
CA ASN A 36 13.71 -19.27 -6.13
C ASN A 36 12.45 -18.49 -6.47
N ARG A 37 12.44 -17.18 -6.20
CA ARG A 37 11.25 -16.35 -6.43
C ARG A 37 11.10 -15.84 -7.89
N ILE A 38 12.11 -16.12 -8.71
CA ILE A 38 12.03 -16.01 -10.17
C ILE A 38 12.51 -17.33 -10.81
N THR A 39 11.99 -17.57 -12.01
CA THR A 39 12.17 -18.79 -12.78
C THR A 39 12.62 -18.40 -14.20
N PRO A 40 13.78 -18.95 -14.64
CA PRO A 40 14.28 -18.79 -16.01
C PRO A 40 13.25 -19.22 -17.05
N SER A 41 13.09 -18.40 -18.10
CA SER A 41 12.12 -18.68 -19.14
C SER A 41 12.85 -19.58 -20.14
N TYR A 42 13.15 -20.79 -19.68
CA TYR A 42 14.04 -21.71 -20.37
C TYR A 42 13.43 -23.09 -20.46
N VAL A 43 13.70 -23.77 -21.57
CA VAL A 43 13.27 -25.15 -21.71
C VAL A 43 14.48 -25.94 -22.23
N ALA A 44 14.64 -27.17 -21.75
CA ALA A 44 15.67 -28.06 -22.29
C ALA A 44 15.11 -29.48 -22.39
N PHE A 45 15.77 -30.31 -23.19
CA PHE A 45 15.34 -31.66 -23.57
C PHE A 45 16.54 -32.59 -23.41
N THR A 46 16.53 -33.46 -22.41
CA THR A 46 17.63 -34.41 -22.18
C THR A 46 17.68 -35.52 -23.27
N PRO A 47 18.89 -36.05 -23.58
CA PRO A 47 19.00 -37.18 -24.54
C PRO A 47 18.10 -38.37 -24.22
N GLU A 48 17.88 -38.64 -22.93
CA GLU A 48 16.91 -39.62 -22.46
C GLU A 48 15.45 -39.16 -22.71
N GLY A 49 15.26 -37.91 -23.12
CA GLY A 49 13.91 -37.43 -23.46
C GLY A 49 13.10 -36.79 -22.34
N GLU A 50 13.74 -36.47 -21.20
CA GLU A 50 13.10 -35.64 -20.17
C GLU A 50 13.00 -34.14 -20.65
N ARG A 51 11.82 -33.55 -20.50
CA ARG A 51 11.60 -32.12 -20.75
C ARG A 51 11.80 -31.33 -19.44
N LEU A 52 12.81 -30.48 -19.44
CA LEU A 52 13.17 -29.66 -18.28
C LEU A 52 12.68 -28.22 -18.49
N ILE A 53 12.28 -27.54 -17.43
CA ILE A 53 11.76 -26.18 -17.57
C ILE A 53 12.27 -25.34 -16.40
N GLY A 54 12.65 -24.09 -16.65
CA GLY A 54 13.16 -23.23 -15.58
C GLY A 54 14.63 -23.47 -15.22
N ASP A 55 14.92 -23.41 -13.93
CA ASP A 55 16.26 -23.55 -13.40
C ASP A 55 16.88 -24.86 -13.85
N ALA A 56 16.13 -25.95 -13.76
CA ALA A 56 16.67 -27.25 -14.20
C ALA A 56 17.13 -27.22 -15.66
N ALA A 57 16.42 -26.45 -16.50
CA ALA A 57 16.74 -26.37 -17.93
C ALA A 57 17.91 -25.42 -18.16
N LYS A 58 17.95 -24.30 -17.45
CA LYS A 58 19.08 -23.38 -17.65
C LYS A 58 20.38 -23.96 -17.07
N ASN A 59 20.25 -24.73 -16.00
CA ASN A 59 21.38 -25.21 -15.24
C ASN A 59 21.99 -26.47 -15.82
N GLN A 60 21.26 -27.10 -16.75
CA GLN A 60 21.78 -28.30 -17.36
C GLN A 60 23.04 -28.05 -18.16
N LEU A 61 24.14 -28.67 -17.73
CA LEU A 61 25.35 -28.68 -18.52
C LEU A 61 25.19 -29.66 -19.68
N THR A 62 25.50 -29.18 -20.88
CA THR A 62 25.57 -30.02 -22.05
C THR A 62 26.44 -29.29 -23.07
N SER A 63 26.95 -30.03 -24.04
CA SER A 63 27.69 -29.44 -25.17
C SER A 63 26.80 -29.29 -26.40
N ASN A 64 25.49 -29.43 -26.18
CA ASN A 64 24.46 -29.39 -27.24
C ASN A 64 23.46 -28.23 -27.08
N PRO A 65 23.92 -26.99 -27.27
CA PRO A 65 23.05 -25.85 -26.97
C PRO A 65 21.87 -25.77 -27.95
N GLU A 66 21.88 -26.65 -28.95
CA GLU A 66 20.85 -26.69 -29.99
C GLU A 66 19.52 -27.15 -29.47
N ASN A 67 19.51 -27.93 -28.40
CA ASN A 67 18.26 -28.45 -27.87
C ASN A 67 17.79 -27.77 -26.60
N THR A 68 18.32 -26.58 -26.34
CA THR A 68 17.85 -25.72 -25.24
C THR A 68 17.12 -24.55 -25.92
N VAL A 69 16.00 -24.11 -25.34
CA VAL A 69 15.17 -23.08 -25.95
C VAL A 69 15.00 -21.97 -24.90
N PHE A 70 15.16 -20.74 -25.33
CA PHE A 70 15.01 -19.56 -24.47
C PHE A 70 14.68 -18.42 -25.38
N ASP A 71 14.55 -17.21 -24.85
CA ASP A 71 14.25 -16.04 -25.66
C ASP A 71 13.00 -16.18 -26.56
N ALA A 72 12.05 -17.07 -26.21
CA ALA A 72 10.80 -17.16 -27.02
C ALA A 72 9.97 -15.90 -27.04
N LYS A 73 10.18 -15.02 -26.07
CA LYS A 73 9.45 -13.76 -26.08
C LYS A 73 9.88 -12.85 -27.22
N ARG A 74 11.11 -13.01 -27.72
CA ARG A 74 11.55 -12.27 -28.91
C ARG A 74 10.83 -12.69 -30.19
N LEU A 75 10.30 -13.90 -30.21
CA LEU A 75 9.64 -14.45 -31.42
C LEU A 75 8.10 -14.50 -31.35
N ILE A 76 7.57 -14.60 -30.13
CA ILE A 76 6.13 -14.76 -29.93
C ILE A 76 5.28 -13.70 -30.70
N GLY A 77 4.21 -14.15 -31.37
CA GLY A 77 3.29 -13.21 -32.02
C GLY A 77 3.79 -12.58 -33.30
N ARG A 78 4.88 -13.11 -33.83
CA ARG A 78 5.55 -12.45 -34.93
C ARG A 78 5.59 -13.44 -36.07
N THR A 79 5.62 -12.96 -37.32
CA THR A 79 5.74 -13.83 -38.48
C THR A 79 7.18 -14.23 -38.73
N TRP A 80 7.37 -15.34 -39.44
CA TRP A 80 8.69 -15.81 -39.92
C TRP A 80 9.49 -14.70 -40.61
N ASN A 81 8.85 -13.96 -41.53
CA ASN A 81 9.59 -12.99 -42.31
C ASN A 81 9.75 -11.62 -41.68
N ASP A 82 9.25 -11.46 -40.45
CA ASP A 82 9.42 -10.22 -39.68
C ASP A 82 10.93 -9.94 -39.57
N PRO A 83 11.39 -8.76 -40.07
CA PRO A 83 12.82 -8.39 -40.09
C PRO A 83 13.51 -8.62 -38.73
N SER A 84 12.78 -8.34 -37.64
CA SER A 84 13.27 -8.57 -36.25
C SER A 84 13.52 -10.08 -35.98
N VAL A 85 12.62 -10.94 -36.45
CA VAL A 85 12.80 -12.42 -36.33
C VAL A 85 14.04 -12.88 -37.12
N GLN A 86 14.13 -12.39 -38.35
CA GLN A 86 15.24 -12.73 -39.22
C GLN A 86 16.60 -12.32 -38.65
N GLN A 87 16.66 -11.17 -37.99
CA GLN A 87 17.86 -10.74 -37.27
C GLN A 87 18.11 -11.61 -36.00
N ASP A 88 17.08 -11.83 -35.18
CA ASP A 88 17.26 -12.58 -33.92
C ASP A 88 17.73 -14.00 -34.11
N ILE A 89 17.22 -14.69 -35.13
CA ILE A 89 17.62 -16.08 -35.34
C ILE A 89 19.14 -16.24 -35.68
N LYS A 90 19.78 -15.14 -36.06
CA LYS A 90 21.24 -15.19 -36.30
C LYS A 90 21.99 -15.50 -35.00
N PHE A 91 21.46 -15.00 -33.89
CA PHE A 91 22.09 -15.09 -32.60
C PHE A 91 21.61 -16.26 -31.73
N LEU A 92 20.53 -16.94 -32.13
CA LEU A 92 19.99 -18.08 -31.34
C LEU A 92 20.59 -19.41 -31.75
N PRO A 93 21.01 -20.23 -30.75
CA PRO A 93 21.73 -21.45 -31.09
C PRO A 93 20.82 -22.62 -31.53
N PHE A 94 19.52 -22.50 -31.26
CA PHE A 94 18.53 -23.49 -31.68
C PHE A 94 17.99 -23.16 -33.06
N LYS A 95 17.50 -24.17 -33.76
CA LYS A 95 17.00 -24.04 -35.13
C LYS A 95 15.62 -23.37 -35.14
N VAL A 96 15.44 -22.42 -36.04
CA VAL A 96 14.14 -21.77 -36.23
C VAL A 96 13.80 -21.90 -37.71
N VAL A 97 12.59 -22.40 -38.00
CA VAL A 97 12.14 -22.72 -39.38
C VAL A 97 10.80 -22.08 -39.68
N GLU A 98 10.56 -21.74 -40.95
CA GLU A 98 9.24 -21.26 -41.37
C GLU A 98 8.21 -22.36 -41.38
N LYS A 99 7.12 -22.15 -40.62
CA LYS A 99 6.01 -23.08 -40.59
C LYS A 99 4.71 -22.33 -40.30
N LYS A 100 3.79 -22.41 -41.25
CA LYS A 100 2.46 -21.81 -41.10
C LYS A 100 2.63 -20.31 -40.89
N THR A 101 3.54 -19.70 -41.66
CA THR A 101 3.86 -18.25 -41.60
C THR A 101 4.71 -17.78 -40.40
N LYS A 102 4.96 -18.68 -39.44
CA LYS A 102 5.58 -18.37 -38.17
C LYS A 102 6.97 -18.98 -37.99
N PRO A 103 7.80 -18.38 -37.09
CA PRO A 103 9.09 -18.95 -36.75
C PRO A 103 8.94 -20.08 -35.72
N TYR A 104 8.83 -21.31 -36.19
CA TYR A 104 8.78 -22.44 -35.30
C TYR A 104 10.21 -22.90 -34.84
N ILE A 105 10.28 -23.40 -33.63
CA ILE A 105 11.55 -23.81 -33.04
C ILE A 105 11.63 -25.30 -33.28
N GLN A 106 12.74 -25.76 -33.84
CA GLN A 106 12.90 -27.18 -34.10
C GLN A 106 14.02 -27.72 -33.19
N VAL A 107 13.74 -28.81 -32.47
CA VAL A 107 14.71 -29.40 -31.53
C VAL A 107 14.70 -30.94 -31.54
N ASP A 108 15.77 -31.57 -31.07
CA ASP A 108 15.77 -33.01 -30.71
C ASP A 108 15.20 -33.23 -29.31
N ILE A 109 14.06 -33.91 -29.27
CA ILE A 109 13.25 -34.15 -28.07
C ILE A 109 13.71 -35.40 -27.30
N GLY A 110 14.73 -36.07 -27.83
CA GLY A 110 15.18 -37.33 -27.28
C GLY A 110 15.39 -38.35 -28.37
N GLY A 111 16.51 -39.08 -28.28
CA GLY A 111 16.78 -40.21 -29.16
C GLY A 111 16.75 -39.86 -30.63
N GLY A 112 17.08 -38.61 -30.95
CA GLY A 112 17.06 -38.15 -32.34
C GLY A 112 15.67 -37.86 -32.92
N GLN A 113 14.64 -37.92 -32.07
CA GLN A 113 13.30 -37.57 -32.48
C GLN A 113 13.15 -36.03 -32.47
N THR A 114 12.88 -35.48 -33.65
CA THR A 114 12.71 -34.06 -33.88
C THR A 114 11.27 -33.65 -33.60
N LYS A 115 11.11 -32.43 -33.10
CA LYS A 115 9.80 -31.85 -32.88
C LYS A 115 9.89 -30.35 -33.17
N THR A 116 8.85 -29.78 -33.77
CA THR A 116 8.73 -28.32 -33.85
C THR A 116 7.66 -27.77 -32.88
N PHE A 117 7.91 -26.54 -32.44
CA PHE A 117 7.11 -25.83 -31.43
C PHE A 117 6.97 -24.39 -31.89
N ALA A 118 5.74 -23.89 -31.94
CA ALA A 118 5.46 -22.46 -32.08
C ALA A 118 5.99 -21.73 -30.83
N PRO A 119 6.37 -20.46 -31.00
CA PRO A 119 6.89 -19.74 -29.84
C PRO A 119 5.90 -19.71 -28.67
N GLU A 120 4.60 -19.62 -28.95
CA GLU A 120 3.61 -19.69 -27.87
C GLU A 120 3.53 -21.05 -27.18
N GLU A 121 3.92 -22.12 -27.87
CA GLU A 121 3.99 -23.42 -27.21
C GLU A 121 5.19 -23.45 -26.26
N ILE A 122 6.28 -22.77 -26.64
CA ILE A 122 7.44 -22.61 -25.72
C ILE A 122 6.99 -21.85 -24.50
N SER A 123 6.35 -20.70 -24.72
CA SER A 123 5.94 -19.86 -23.56
C SER A 123 4.88 -20.58 -22.75
N ALA A 124 4.04 -21.39 -23.41
CA ALA A 124 3.07 -22.23 -22.67
C ALA A 124 3.75 -23.19 -21.68
N MET A 125 4.92 -23.72 -22.02
CA MET A 125 5.70 -24.55 -21.09
C MET A 125 6.18 -23.78 -19.87
N VAL A 126 6.68 -22.58 -20.10
CA VAL A 126 7.06 -21.66 -19.02
C VAL A 126 5.83 -21.31 -18.13
N LEU A 127 4.71 -20.97 -18.78
CA LEU A 127 3.47 -20.73 -18.06
C LEU A 127 2.97 -21.95 -17.27
N THR A 128 3.17 -23.14 -17.80
CA THR A 128 2.86 -24.37 -17.05
C THR A 128 3.68 -24.42 -15.76
N LYS A 129 4.98 -24.13 -15.88
CA LYS A 129 5.86 -24.12 -14.73
C LYS A 129 5.39 -23.12 -13.67
N MET A 130 5.06 -21.90 -14.10
CA MET A 130 4.55 -20.85 -13.15
C MET A 130 3.26 -21.33 -12.50
N LYS A 131 2.38 -21.91 -13.31
CA LYS A 131 1.13 -22.51 -12.85
C LYS A 131 1.37 -23.55 -11.77
N GLU A 132 2.30 -24.48 -12.01
CA GLU A 132 2.68 -25.50 -11.05
C GLU A 132 3.23 -24.92 -9.75
N THR A 133 4.07 -23.89 -9.90
CA THR A 133 4.63 -23.15 -8.76
C THR A 133 3.52 -22.59 -7.84
N ALA A 134 2.51 -21.94 -8.43
CA ALA A 134 1.38 -21.37 -7.67
C ALA A 134 0.51 -22.47 -7.05
N GLU A 135 0.32 -23.55 -7.76
CA GLU A 135 -0.54 -24.63 -7.23
C GLU A 135 0.07 -25.32 -6.00
N ALA A 136 1.38 -25.55 -6.05
CA ALA A 136 2.12 -26.09 -4.89
C ALA A 136 2.02 -25.16 -3.69
N TYR A 137 2.11 -23.84 -3.93
CA TYR A 137 1.93 -22.88 -2.85
C TYR A 137 0.50 -22.88 -2.26
N LEU A 138 -0.50 -22.83 -3.15
CA LEU A 138 -1.91 -22.70 -2.78
C LEU A 138 -2.52 -23.97 -2.23
N GLY A 139 -2.01 -25.12 -2.68
CA GLY A 139 -2.56 -26.44 -2.36
C GLY A 139 -3.81 -26.84 -3.13
N LYS A 140 -3.99 -26.25 -4.31
CA LYS A 140 -5.19 -26.45 -5.14
C LYS A 140 -4.89 -26.09 -6.60
N LYS A 141 -5.77 -26.48 -7.52
CA LYS A 141 -5.55 -26.13 -8.93
C LYS A 141 -5.79 -24.63 -9.17
N VAL A 142 -5.13 -24.10 -10.19
CA VAL A 142 -5.33 -22.71 -10.60
C VAL A 142 -5.86 -22.74 -12.04
N THR A 143 -6.79 -21.85 -12.38
CA THR A 143 -7.35 -21.86 -13.76
C THR A 143 -7.31 -20.55 -14.53
N HIS A 144 -7.13 -19.44 -13.80
CA HIS A 144 -7.18 -18.08 -14.34
C HIS A 144 -5.97 -17.29 -13.92
N ALA A 145 -5.59 -16.37 -14.80
CA ALA A 145 -4.37 -15.60 -14.60
C ALA A 145 -4.48 -14.19 -15.18
N VAL A 146 -3.77 -13.27 -14.54
CA VAL A 146 -3.44 -11.95 -15.12
C VAL A 146 -1.96 -12.05 -15.59
N VAL A 147 -1.70 -11.69 -16.85
CA VAL A 147 -0.34 -11.85 -17.42
C VAL A 147 0.07 -10.55 -18.08
N THR A 148 1.32 -10.18 -17.89
CA THR A 148 1.79 -8.88 -18.35
C THR A 148 2.59 -9.00 -19.67
N VAL A 149 2.58 -7.92 -20.47
CA VAL A 149 3.39 -7.83 -21.67
C VAL A 149 4.06 -6.44 -21.72
N PRO A 150 5.18 -6.27 -22.49
CA PRO A 150 5.73 -4.92 -22.61
C PRO A 150 4.70 -3.97 -23.25
N ALA A 151 4.74 -2.69 -22.92
CA ALA A 151 3.70 -1.75 -23.44
C ALA A 151 3.67 -1.67 -24.97
N TYR A 152 4.83 -1.87 -25.61
CA TYR A 152 4.88 -1.87 -27.06
C TYR A 152 4.33 -3.12 -27.77
N PHE A 153 4.02 -4.19 -27.04
CA PHE A 153 3.44 -5.39 -27.69
C PHE A 153 2.20 -4.99 -28.47
N ASN A 154 2.08 -5.57 -29.65
CA ASN A 154 0.99 -5.27 -30.59
C ASN A 154 -0.14 -6.27 -30.47
N ASP A 155 -1.20 -6.13 -31.26
CA ASP A 155 -2.34 -7.06 -31.24
C ASP A 155 -1.90 -8.54 -31.31
N ALA A 156 -1.07 -8.89 -32.29
CA ALA A 156 -0.67 -10.31 -32.49
C ALA A 156 0.18 -10.85 -31.30
N GLN A 157 1.09 -10.02 -30.77
CA GLN A 157 1.92 -10.48 -29.62
C GLN A 157 1.05 -10.69 -28.36
N ARG A 158 0.07 -9.82 -28.15
CA ARG A 158 -0.89 -9.98 -27.01
C ARG A 158 -1.78 -11.25 -27.16
N GLN A 159 -2.28 -11.49 -28.35
CA GLN A 159 -3.12 -12.69 -28.61
C GLN A 159 -2.31 -13.96 -28.42
N ALA A 160 -1.07 -13.98 -28.94
CA ALA A 160 -0.20 -15.15 -28.79
C ALA A 160 0.16 -15.42 -27.30
N THR A 161 0.33 -14.36 -26.49
CA THR A 161 0.53 -14.53 -25.01
C THR A 161 -0.72 -15.18 -24.35
N LYS A 162 -1.94 -14.76 -24.73
CA LYS A 162 -3.19 -15.42 -24.29
C LYS A 162 -3.28 -16.86 -24.74
N ASP A 163 -2.90 -17.11 -25.99
CA ASP A 163 -2.89 -18.47 -26.56
C ASP A 163 -1.95 -19.39 -25.81
N ALA A 164 -0.79 -18.85 -25.40
CA ALA A 164 0.18 -19.59 -24.59
C ALA A 164 -0.49 -20.01 -23.29
N GLY A 165 -1.24 -19.08 -22.68
CA GLY A 165 -2.01 -19.40 -21.47
C GLY A 165 -2.95 -20.55 -21.71
N THR A 166 -3.66 -20.49 -22.85
CA THR A 166 -4.70 -21.46 -23.16
C THR A 166 -4.07 -22.82 -23.28
N ILE A 167 -2.92 -22.89 -23.97
CA ILE A 167 -2.22 -24.16 -24.15
C ILE A 167 -1.83 -24.74 -22.77
N ALA A 168 -1.43 -23.85 -21.86
CA ALA A 168 -1.00 -24.20 -20.51
C ALA A 168 -2.15 -24.43 -19.55
N GLY A 169 -3.39 -24.46 -20.03
CA GLY A 169 -4.55 -24.52 -19.15
C GLY A 169 -4.87 -23.30 -18.31
N LEU A 170 -4.40 -22.12 -18.72
CA LEU A 170 -4.70 -20.88 -17.99
C LEU A 170 -5.65 -20.00 -18.84
N ASN A 171 -6.73 -19.54 -18.23
CA ASN A 171 -7.58 -18.54 -18.80
C ASN A 171 -6.99 -17.17 -18.45
N VAL A 172 -6.31 -16.55 -19.42
CA VAL A 172 -5.72 -15.23 -19.24
C VAL A 172 -6.81 -14.18 -19.36
N MET A 173 -7.26 -13.69 -18.19
CA MET A 173 -8.46 -12.85 -18.08
C MET A 173 -8.17 -11.44 -18.52
N ARG A 174 -6.91 -11.05 -18.32
CA ARG A 174 -6.47 -9.69 -18.56
C ARG A 174 -5.00 -9.73 -18.92
N ILE A 175 -4.68 -9.05 -20.02
CA ILE A 175 -3.31 -8.75 -20.39
C ILE A 175 -3.04 -7.29 -19.99
N ILE A 176 -2.09 -7.07 -19.08
CA ILE A 176 -1.76 -5.71 -18.61
C ILE A 176 -0.34 -5.35 -19.04
N ASN A 177 -0.07 -4.07 -19.27
CA ASN A 177 1.28 -3.65 -19.60
C ASN A 177 2.22 -3.69 -18.41
N GLU A 178 3.42 -4.21 -18.64
CA GLU A 178 4.44 -4.35 -17.59
C GLU A 178 4.69 -3.03 -16.83
N PRO A 179 4.97 -1.93 -17.54
CA PRO A 179 5.27 -0.72 -16.75
C PRO A 179 4.10 -0.27 -15.84
N THR A 180 2.88 -0.48 -16.31
CA THR A 180 1.66 -0.21 -15.56
C THR A 180 1.50 -1.09 -14.32
N ALA A 181 1.79 -2.39 -14.46
CA ALA A 181 1.77 -3.30 -13.30
C ALA A 181 2.76 -2.84 -12.26
N ALA A 182 3.96 -2.45 -12.66
CA ALA A 182 4.93 -1.94 -11.68
C ALA A 182 4.41 -0.70 -10.95
N ALA A 183 3.85 0.24 -11.70
CA ALA A 183 3.23 1.42 -11.10
C ALA A 183 2.13 1.03 -10.07
N ILE A 184 1.31 0.05 -10.44
CA ILE A 184 0.24 -0.49 -9.57
C ILE A 184 0.84 -1.10 -8.31
N ALA A 185 1.92 -1.87 -8.45
CA ALA A 185 2.59 -2.47 -7.28
C ALA A 185 2.93 -1.41 -6.21
N TYR A 186 3.32 -0.22 -6.68
CA TYR A 186 3.67 0.87 -5.77
C TYR A 186 2.50 1.81 -5.37
N GLY A 187 1.27 1.40 -5.65
CA GLY A 187 0.08 2.15 -5.28
C GLY A 187 -0.04 3.50 -5.99
N LEU A 188 0.56 3.62 -7.17
CA LEU A 188 0.62 4.90 -7.86
C LEU A 188 -0.68 5.23 -8.57
N ASP A 189 -1.54 4.23 -8.75
CA ASP A 189 -2.83 4.43 -9.40
C ASP A 189 -3.77 5.16 -8.45
N LYS A 190 -3.47 5.07 -7.18
CA LYS A 190 -4.23 5.73 -6.12
C LYS A 190 -3.98 7.24 -6.00
N ARG A 191 -2.91 7.74 -6.62
CA ARG A 191 -2.56 9.17 -6.52
C ARG A 191 -3.69 10.08 -7.02
N GLU A 192 -3.71 11.33 -6.53
CA GLU A 192 -4.81 12.27 -6.83
C GLU A 192 -4.33 13.39 -7.77
N GLY A 193 -5.12 13.64 -8.81
CA GLY A 193 -4.68 14.56 -9.87
C GLY A 193 -3.92 13.87 -10.99
N GLU A 194 -3.22 14.65 -11.80
CA GLU A 194 -2.41 14.10 -12.91
C GLU A 194 -0.95 13.95 -12.49
N LYS A 195 -0.33 12.82 -12.82
CA LYS A 195 1.09 12.64 -12.51
C LYS A 195 1.83 12.01 -13.68
N ASN A 196 3.11 12.38 -13.85
CA ASN A 196 3.98 11.80 -14.90
C ASN A 196 4.93 10.79 -14.24
N ILE A 197 4.92 9.56 -14.78
CA ILE A 197 5.67 8.46 -14.18
C ILE A 197 6.69 7.96 -15.20
N LEU A 198 7.96 7.98 -14.84
CA LEU A 198 8.96 7.35 -15.69
C LEU A 198 9.25 5.96 -15.14
N VAL A 199 9.09 4.93 -15.98
CA VAL A 199 9.39 3.55 -15.57
C VAL A 199 10.68 3.13 -16.30
N PHE A 200 11.74 2.84 -15.54
CA PHE A 200 13.07 2.46 -16.09
C PHE A 200 13.22 0.97 -15.79
N ASP A 201 13.18 0.14 -16.83
CA ASP A 201 13.04 -1.36 -16.66
C ASP A 201 14.22 -2.10 -17.34
N LEU A 202 15.20 -2.50 -16.54
CA LEU A 202 16.39 -3.11 -17.11
C LEU A 202 16.50 -4.53 -16.57
N GLY A 203 16.32 -5.49 -17.48
CA GLY A 203 16.12 -6.90 -17.12
C GLY A 203 17.35 -7.69 -17.48
N GLY A 204 17.12 -8.90 -17.97
CA GLY A 204 18.17 -9.85 -18.35
C GLY A 204 18.54 -9.66 -19.81
N GLY A 205 17.51 -9.52 -20.65
CA GLY A 205 17.75 -9.39 -22.10
C GLY A 205 17.42 -8.01 -22.69
N THR A 206 16.60 -7.23 -21.99
CA THR A 206 16.02 -6.01 -22.62
C THR A 206 16.02 -4.82 -21.68
N PHE A 207 16.01 -3.62 -22.28
CA PHE A 207 15.92 -2.35 -21.57
C PHE A 207 14.70 -1.63 -22.10
N ASP A 208 13.70 -1.43 -21.24
CA ASP A 208 12.47 -0.68 -21.64
C ASP A 208 12.26 0.57 -20.76
N VAL A 209 12.06 1.73 -21.41
CA VAL A 209 11.71 2.97 -20.68
C VAL A 209 10.33 3.37 -21.14
N SER A 210 9.51 3.74 -20.17
CA SER A 210 8.14 4.11 -20.48
C SER A 210 7.76 5.37 -19.72
N LEU A 211 7.15 6.33 -20.43
CA LEU A 211 6.49 7.46 -19.78
C LEU A 211 5.00 7.15 -19.71
N LEU A 212 4.50 7.14 -18.50
CA LEU A 212 3.08 6.92 -18.27
C LEU A 212 2.49 8.17 -17.62
N THR A 213 1.22 8.43 -17.90
CA THR A 213 0.46 9.43 -17.17
C THR A 213 -0.60 8.67 -16.38
N ILE A 214 -0.86 9.10 -15.16
CA ILE A 214 -1.99 8.62 -14.37
C ILE A 214 -2.89 9.82 -14.12
N ASP A 215 -4.19 9.64 -14.32
CA ASP A 215 -5.16 10.71 -14.05
C ASP A 215 -6.31 10.01 -13.34
N ASN A 216 -6.41 10.18 -12.02
CA ASN A 216 -7.37 9.45 -11.15
C ASN A 216 -7.61 7.97 -11.50
N GLY A 217 -6.58 7.13 -11.36
CA GLY A 217 -6.70 5.67 -11.60
C GLY A 217 -6.75 5.20 -13.05
N VAL A 218 -6.61 6.13 -13.98
CA VAL A 218 -6.55 5.83 -15.42
C VAL A 218 -5.10 6.03 -15.90
N PHE A 219 -4.44 4.95 -16.35
CA PHE A 219 -3.08 5.04 -16.93
C PHE A 219 -3.10 5.24 -18.43
N GLU A 220 -2.13 6.01 -18.93
CA GLU A 220 -1.91 6.25 -20.36
C GLU A 220 -0.42 6.02 -20.61
N VAL A 221 -0.10 5.15 -21.58
CA VAL A 221 1.29 5.03 -22.02
C VAL A 221 1.48 6.12 -23.05
N VAL A 222 2.23 7.15 -22.67
CA VAL A 222 2.52 8.30 -23.54
C VAL A 222 3.62 8.03 -24.58
N ALA A 223 4.77 7.48 -24.13
CA ALA A 223 5.88 7.13 -25.04
C ALA A 223 6.68 5.94 -24.49
N THR A 224 7.30 5.20 -25.39
CA THR A 224 8.23 4.14 -25.01
C THR A 224 9.54 4.29 -25.77
N ASN A 225 10.63 3.90 -25.11
CA ASN A 225 11.93 3.72 -25.77
C ASN A 225 12.79 2.64 -25.04
N GLY A 226 14.07 2.55 -25.37
CA GLY A 226 14.94 1.51 -24.74
C GLY A 226 15.84 0.84 -25.75
N ASP A 227 16.22 -0.40 -25.45
CA ASP A 227 17.11 -1.17 -26.30
C ASP A 227 16.72 -2.62 -26.07
N THR A 228 16.21 -3.26 -27.11
CA THR A 228 15.79 -4.66 -27.03
C THR A 228 16.92 -5.70 -26.84
N HIS A 229 18.17 -5.26 -27.02
CA HIS A 229 19.36 -6.14 -26.84
C HIS A 229 20.34 -5.58 -25.82
N LEU A 230 19.80 -5.01 -24.75
CA LEU A 230 20.62 -4.50 -23.66
C LEU A 230 20.06 -4.97 -22.35
N GLY A 231 20.82 -5.74 -21.59
CA GLY A 231 20.31 -6.29 -20.33
C GLY A 231 21.40 -6.90 -19.47
N GLY A 232 20.96 -7.53 -18.36
CA GLY A 232 21.88 -8.21 -17.40
C GLY A 232 22.78 -9.23 -18.03
N GLU A 233 22.26 -9.94 -19.04
CA GLU A 233 23.09 -10.92 -19.77
C GLU A 233 24.31 -10.29 -20.44
N ASP A 234 24.15 -9.05 -20.93
CA ASP A 234 25.26 -8.32 -21.52
C ASP A 234 26.34 -7.94 -20.53
N PHE A 235 25.93 -7.69 -19.29
CA PHE A 235 26.90 -7.39 -18.22
C PHE A 235 27.66 -8.66 -17.89
N ASP A 236 26.96 -9.80 -17.82
CA ASP A 236 27.61 -11.10 -17.59
C ASP A 236 28.67 -11.38 -18.66
N GLN A 237 28.33 -11.16 -19.92
CA GLN A 237 29.29 -11.38 -21.02
C GLN A 237 30.58 -10.53 -20.97
N ARG A 238 30.45 -9.29 -20.52
CA ARG A 238 31.62 -8.42 -20.34
C ARG A 238 32.56 -9.01 -19.28
N VAL A 239 31.98 -9.58 -18.23
CA VAL A 239 32.75 -10.19 -17.11
C VAL A 239 33.38 -11.50 -17.59
N MET A 240 32.60 -12.30 -18.33
CA MET A 240 33.14 -13.54 -18.93
C MET A 240 34.33 -13.26 -19.82
N GLU A 241 34.20 -12.28 -20.71
CA GLU A 241 35.31 -11.85 -21.59
C GLU A 241 36.55 -11.55 -20.78
N HIS A 242 36.38 -10.74 -19.74
CA HIS A 242 37.43 -10.40 -18.75
C HIS A 242 38.15 -11.65 -18.17
N PHE A 243 37.39 -12.64 -17.69
CA PHE A 243 37.99 -13.82 -17.04
C PHE A 243 38.58 -14.86 -17.99
N ILE A 244 38.03 -14.92 -19.20
CA ILE A 244 38.56 -15.78 -20.26
C ILE A 244 39.92 -15.23 -20.71
N LYS A 245 39.98 -13.92 -20.93
CA LYS A 245 41.21 -13.18 -21.23
C LYS A 245 42.32 -13.33 -20.16
N LEU A 246 41.94 -13.13 -18.91
CA LEU A 246 42.83 -13.31 -17.77
C LEU A 246 43.32 -14.76 -17.69
N TYR A 247 42.40 -15.72 -17.75
CA TYR A 247 42.73 -17.13 -17.71
C TYR A 247 43.74 -17.51 -18.77
N LYS A 248 43.57 -16.99 -19.97
CA LYS A 248 44.50 -17.25 -21.08
C LYS A 248 45.89 -16.72 -20.76
N LYS A 249 45.95 -15.49 -20.25
CA LYS A 249 47.22 -14.81 -19.99
C LYS A 249 47.96 -15.47 -18.84
N LYS A 250 47.22 -15.81 -17.78
CA LYS A 250 47.79 -16.43 -16.58
C LYS A 250 48.20 -17.89 -16.82
N THR A 251 47.49 -18.55 -17.73
CA THR A 251 47.92 -19.86 -18.20
C THR A 251 48.35 -19.64 -19.64
N GLY A 252 47.96 -20.54 -20.54
CA GLY A 252 48.07 -20.26 -21.97
C GLY A 252 46.81 -20.77 -22.66
N LYS A 253 45.90 -21.32 -21.85
CA LYS A 253 44.74 -22.06 -22.31
C LYS A 253 43.57 -21.15 -22.71
N ASP A 254 42.91 -21.50 -23.81
CA ASP A 254 41.68 -20.85 -24.26
C ASP A 254 40.41 -21.64 -23.88
N VAL A 255 39.84 -21.25 -22.74
CA VAL A 255 38.54 -21.73 -22.22
C VAL A 255 37.48 -22.11 -23.26
N ARG A 256 37.39 -21.33 -24.33
CA ARG A 256 36.23 -21.35 -25.24
C ARG A 256 36.01 -22.64 -26.06
N LYS A 257 37.01 -23.51 -26.11
CA LYS A 257 36.87 -24.83 -26.75
C LYS A 257 35.87 -25.75 -26.02
N ASP A 258 35.62 -25.49 -24.74
CA ASP A 258 34.76 -26.37 -23.94
C ASP A 258 33.50 -25.61 -23.49
N ASN A 259 32.41 -25.78 -24.24
CA ASN A 259 31.18 -25.08 -23.94
C ASN A 259 30.59 -25.42 -22.57
N ARG A 260 30.91 -26.62 -22.07
CA ARG A 260 30.61 -26.94 -20.67
C ARG A 260 31.39 -26.01 -19.76
N ALA A 261 32.63 -25.66 -20.12
CA ALA A 261 33.49 -24.79 -19.29
C ALA A 261 32.99 -23.35 -19.27
N VAL A 262 32.77 -22.80 -20.46
CA VAL A 262 32.03 -21.54 -20.66
C VAL A 262 30.73 -21.51 -19.85
N GLN A 263 29.87 -22.52 -19.98
CA GLN A 263 28.61 -22.49 -19.25
C GLN A 263 28.84 -22.53 -17.74
N LYS A 264 29.89 -23.21 -17.29
CA LYS A 264 30.20 -23.23 -15.85
C LYS A 264 30.58 -21.84 -15.38
N LEU A 265 31.45 -21.19 -16.14
CA LEU A 265 31.86 -19.83 -15.81
C LEU A 265 30.65 -18.89 -15.88
N ARG A 266 29.77 -19.06 -16.88
CA ARG A 266 28.57 -18.22 -16.95
C ARG A 266 27.71 -18.27 -15.69
N ARG A 267 27.43 -19.48 -15.25
CA ARG A 267 26.58 -19.68 -14.09
C ARG A 267 27.25 -18.96 -12.89
N GLU A 268 28.56 -19.16 -12.75
CA GLU A 268 29.28 -18.58 -11.60
C GLU A 268 29.40 -17.04 -11.69
N VAL A 269 29.61 -16.52 -12.89
CA VAL A 269 29.72 -15.06 -13.11
C VAL A 269 28.38 -14.37 -12.77
N GLU A 270 27.31 -15.02 -13.20
CA GLU A 270 25.95 -14.59 -12.92
C GLU A 270 25.71 -14.44 -11.40
N LYS A 271 26.02 -15.50 -10.67
CA LYS A 271 25.93 -15.50 -9.21
C LYS A 271 26.76 -14.42 -8.51
N ALA A 272 28.01 -14.27 -8.93
CA ALA A 272 28.89 -13.24 -8.39
C ALA A 272 28.36 -11.84 -8.64
N LYS A 273 27.92 -11.58 -9.88
CA LYS A 273 27.32 -10.28 -10.20
C LYS A 273 26.21 -9.96 -9.21
N ARG A 274 25.36 -10.95 -8.93
CA ARG A 274 24.26 -10.71 -7.98
C ARG A 274 24.82 -10.39 -6.59
N ALA A 275 25.84 -11.13 -6.16
CA ALA A 275 26.47 -10.87 -4.85
C ALA A 275 27.03 -9.44 -4.76
N LEU A 276 27.61 -8.95 -5.86
CA LEU A 276 28.20 -7.62 -5.91
C LEU A 276 27.17 -6.46 -5.81
N SER A 277 25.88 -6.78 -5.88
CA SER A 277 24.88 -5.76 -5.55
C SER A 277 24.81 -5.57 -4.03
N SER A 278 25.32 -6.53 -3.28
CA SER A 278 25.28 -6.50 -1.81
C SER A 278 26.66 -6.38 -1.13
N GLN A 279 27.71 -6.87 -1.79
CA GLN A 279 29.05 -6.98 -1.23
C GLN A 279 30.01 -6.24 -2.15
N HIS A 280 31.23 -6.02 -1.71
CA HIS A 280 32.16 -5.29 -2.56
C HIS A 280 33.19 -6.16 -3.32
N GLN A 281 33.14 -7.47 -3.09
CA GLN A 281 34.05 -8.46 -3.70
C GLN A 281 33.33 -9.80 -3.70
N ALA A 282 33.62 -10.65 -4.68
CA ALA A 282 32.98 -11.97 -4.76
C ALA A 282 33.93 -12.99 -5.36
N ARG A 283 33.90 -14.20 -4.82
CA ARG A 283 34.80 -15.28 -5.26
C ARG A 283 34.10 -16.09 -6.31
N ILE A 284 34.79 -16.28 -7.44
CA ILE A 284 34.36 -17.23 -8.46
C ILE A 284 35.29 -18.44 -8.43
N GLU A 285 34.71 -19.64 -8.31
CA GLU A 285 35.51 -20.87 -8.25
C GLU A 285 34.84 -22.08 -8.91
N ILE A 286 35.60 -22.75 -9.78
CA ILE A 286 35.10 -23.90 -10.56
C ILE A 286 36.16 -25.01 -10.56
N GLU A 287 35.89 -26.10 -9.83
CA GLU A 287 36.81 -27.25 -9.83
C GLU A 287 36.71 -27.98 -11.19
N SER A 288 37.83 -28.52 -11.66
CA SER A 288 37.86 -29.24 -12.95
C SER A 288 37.45 -28.28 -14.11
N PHE A 289 37.83 -27.01 -13.98
CA PHE A 289 37.37 -25.98 -14.92
C PHE A 289 37.68 -26.32 -16.38
N TYR A 290 38.97 -26.52 -16.64
CA TYR A 290 39.42 -26.78 -17.98
C TYR A 290 40.62 -27.68 -17.86
N GLU A 291 40.56 -28.83 -18.55
CA GLU A 291 41.63 -29.82 -18.52
C GLU A 291 41.83 -30.35 -17.09
N GLY A 292 40.72 -30.48 -16.38
CA GLY A 292 40.69 -30.91 -14.98
C GLY A 292 41.39 -29.97 -14.02
N GLU A 293 41.69 -28.76 -14.47
CA GLU A 293 42.36 -27.72 -13.67
C GLU A 293 41.28 -26.84 -13.03
N ASP A 294 41.55 -26.35 -11.83
CA ASP A 294 40.53 -25.63 -11.05
C ASP A 294 40.64 -24.13 -11.26
N PHE A 295 39.49 -23.46 -11.22
CA PHE A 295 39.39 -22.00 -11.39
C PHE A 295 39.05 -21.34 -10.07
N SER A 296 39.79 -20.28 -9.74
CA SER A 296 39.51 -19.42 -8.56
C SER A 296 40.00 -18.00 -8.81
N GLU A 297 39.06 -17.07 -8.96
CA GLU A 297 39.37 -15.66 -9.01
C GLU A 297 38.35 -14.83 -8.24
N THR A 298 38.71 -13.58 -8.00
CA THR A 298 37.87 -12.66 -7.28
C THR A 298 37.53 -11.50 -8.20
N LEU A 299 36.29 -11.02 -8.07
CA LEU A 299 35.84 -9.86 -8.80
C LEU A 299 35.38 -8.83 -7.76
N THR A 300 35.88 -7.62 -7.90
CA THR A 300 35.43 -6.51 -7.09
C THR A 300 34.24 -5.84 -7.76
N ARG A 301 33.39 -5.21 -6.95
CA ARG A 301 32.36 -4.30 -7.45
C ARG A 301 32.91 -3.22 -8.38
N ALA A 302 34.02 -2.60 -7.98
CA ALA A 302 34.68 -1.58 -8.83
C ALA A 302 35.09 -2.09 -10.21
N LYS A 303 35.59 -3.33 -10.29
CA LYS A 303 35.99 -3.90 -11.59
C LYS A 303 34.74 -4.21 -12.42
N PHE A 304 33.74 -4.78 -11.79
CA PHE A 304 32.41 -5.01 -12.42
C PHE A 304 31.86 -3.72 -13.05
N GLU A 305 31.97 -2.61 -12.31
CA GLU A 305 31.48 -1.32 -12.78
C GLU A 305 32.31 -0.82 -13.96
N GLU A 306 33.62 -1.00 -13.84
CA GLU A 306 34.52 -0.52 -14.87
C GLU A 306 34.28 -1.25 -16.18
N LEU A 307 34.08 -2.58 -16.11
CA LEU A 307 33.90 -3.38 -17.30
C LEU A 307 32.60 -3.05 -18.04
N ASN A 308 31.68 -2.36 -17.37
CA ASN A 308 30.32 -2.21 -17.88
C ASN A 308 29.85 -0.80 -17.95
N MET A 309 30.72 0.15 -17.58
CA MET A 309 30.32 1.56 -17.39
C MET A 309 29.70 2.19 -18.64
N ASP A 310 30.28 1.92 -19.78
CA ASP A 310 29.73 2.41 -21.04
C ASP A 310 28.31 1.85 -21.30
N LEU A 311 28.08 0.57 -21.00
CA LEU A 311 26.74 -0.01 -21.15
C LEU A 311 25.76 0.63 -20.14
N PHE A 312 26.23 0.82 -18.92
CA PHE A 312 25.42 1.48 -17.87
C PHE A 312 25.05 2.91 -18.29
N ARG A 313 26.02 3.68 -18.79
CA ARG A 313 25.75 5.07 -19.20
C ARG A 313 24.81 5.13 -20.42
N SER A 314 24.92 4.12 -21.27
CA SER A 314 24.10 4.01 -22.49
C SER A 314 22.60 3.99 -22.18
N THR A 315 22.24 3.69 -20.94
CA THR A 315 20.81 3.65 -20.58
C THR A 315 20.15 5.04 -20.52
N MET A 316 20.94 6.09 -20.38
CA MET A 316 20.40 7.45 -20.23
C MET A 316 19.83 8.06 -21.56
N LYS A 317 20.39 7.66 -22.70
CA LYS A 317 19.92 8.12 -24.02
C LYS A 317 18.44 7.80 -24.30
N PRO A 318 17.99 6.54 -24.06
CA PRO A 318 16.57 6.32 -24.19
C PRO A 318 15.67 7.07 -23.22
N VAL A 319 16.17 7.43 -22.02
CA VAL A 319 15.37 8.22 -21.06
C VAL A 319 15.16 9.65 -21.62
N GLN A 320 16.23 10.22 -22.20
CA GLN A 320 16.20 11.51 -22.91
C GLN A 320 15.17 11.51 -24.03
N LYS A 321 15.22 10.48 -24.88
CA LYS A 321 14.32 10.34 -26.02
C LYS A 321 12.87 10.27 -25.60
N VAL A 322 12.61 9.61 -24.47
CA VAL A 322 11.23 9.40 -24.00
C VAL A 322 10.66 10.74 -23.57
N LEU A 323 11.48 11.51 -22.88
CA LEU A 323 11.09 12.82 -22.38
C LEU A 323 10.82 13.75 -23.55
N GLU A 324 11.69 13.70 -24.55
CA GLU A 324 11.55 14.49 -25.79
C GLU A 324 10.23 14.21 -26.48
N ASP A 325 9.97 12.92 -26.76
CA ASP A 325 8.75 12.50 -27.45
C ASP A 325 7.47 12.73 -26.63
N SER A 326 7.59 12.87 -25.31
CA SER A 326 6.48 13.23 -24.46
C SER A 326 6.35 14.76 -24.24
N ASP A 327 7.21 15.54 -24.89
CA ASP A 327 7.28 17.01 -24.65
C ASP A 327 7.43 17.29 -23.16
N LEU A 328 8.35 16.58 -22.50
CA LEU A 328 8.63 16.80 -21.08
C LEU A 328 10.11 17.02 -20.77
N LYS A 329 10.36 17.70 -19.66
CA LYS A 329 11.71 17.87 -19.14
C LYS A 329 11.83 17.03 -17.85
N LYS A 330 13.04 16.81 -17.35
CA LYS A 330 13.25 16.01 -16.11
C LYS A 330 12.41 16.49 -14.94
N SER A 331 12.26 17.82 -14.81
CA SER A 331 11.44 18.44 -13.77
C SER A 331 9.96 18.02 -13.80
N ASP A 332 9.47 17.62 -14.96
CA ASP A 332 8.06 17.26 -15.10
C ASP A 332 7.73 15.86 -14.60
N ILE A 333 8.74 15.13 -14.15
CA ILE A 333 8.55 13.76 -13.66
C ILE A 333 8.28 13.77 -12.18
N ASP A 334 7.10 13.28 -11.82
CA ASP A 334 6.66 13.22 -10.41
C ASP A 334 7.06 11.89 -9.72
N GLU A 335 7.18 10.80 -10.50
CA GLU A 335 7.55 9.49 -9.92
C GLU A 335 8.49 8.72 -10.84
N ILE A 336 9.56 8.15 -10.29
CA ILE A 336 10.48 7.25 -11.00
C ILE A 336 10.37 5.83 -10.44
N VAL A 337 10.06 4.86 -11.31
CA VAL A 337 9.89 3.46 -10.88
C VAL A 337 11.01 2.60 -11.53
N LEU A 338 11.82 1.95 -10.70
CA LEU A 338 12.88 1.05 -11.16
C LEU A 338 12.33 -0.35 -11.23
N VAL A 339 12.51 -0.99 -12.37
CA VAL A 339 11.99 -2.32 -12.61
C VAL A 339 13.10 -3.18 -13.19
N GLY A 340 13.01 -4.50 -12.99
CA GLY A 340 13.97 -5.44 -13.56
C GLY A 340 15.14 -5.73 -12.66
N GLY A 341 15.57 -6.99 -12.66
CA GLY A 341 16.64 -7.47 -11.79
C GLY A 341 17.94 -6.66 -11.89
N SER A 342 18.21 -6.05 -13.05
CA SER A 342 19.47 -5.32 -13.22
C SER A 342 19.40 -3.97 -12.50
N THR A 343 18.20 -3.52 -12.13
CA THR A 343 18.13 -2.26 -11.35
C THR A 343 18.56 -2.44 -9.88
N ARG A 344 18.83 -3.70 -9.47
CA ARG A 344 19.45 -3.94 -8.16
C ARG A 344 20.94 -3.51 -8.07
N ILE A 345 21.60 -3.30 -9.23
CA ILE A 345 23.01 -2.91 -9.33
C ILE A 345 23.15 -1.47 -8.79
N PRO A 346 23.95 -1.28 -7.73
CA PRO A 346 24.07 0.06 -7.12
C PRO A 346 24.39 1.16 -8.10
N LYS A 347 25.29 0.90 -9.04
CA LYS A 347 25.66 1.91 -10.01
C LYS A 347 24.48 2.32 -10.88
N ILE A 348 23.63 1.38 -11.26
CA ILE A 348 22.46 1.72 -12.05
C ILE A 348 21.52 2.66 -11.24
N GLN A 349 21.32 2.37 -9.94
CA GLN A 349 20.46 3.24 -9.12
C GLN A 349 21.06 4.66 -8.97
N GLN A 350 22.38 4.72 -8.82
CA GLN A 350 23.12 5.97 -8.71
C GLN A 350 22.95 6.77 -9.98
N LEU A 351 23.16 6.15 -11.15
CA LEU A 351 23.05 6.85 -12.45
C LEU A 351 21.67 7.45 -12.74
N VAL A 352 20.62 6.73 -12.38
CA VAL A 352 19.24 7.17 -12.59
C VAL A 352 18.97 8.38 -11.67
N LYS A 353 19.27 8.23 -10.39
CA LYS A 353 19.10 9.32 -9.43
C LYS A 353 19.82 10.62 -9.90
N GLU A 354 21.11 10.51 -10.25
CA GLU A 354 21.89 11.65 -10.80
C GLU A 354 21.25 12.29 -12.06
N PHE A 355 20.79 11.43 -12.97
CA PHE A 355 20.07 11.89 -14.12
C PHE A 355 18.86 12.75 -13.70
N PHE A 356 18.15 12.34 -12.65
CA PHE A 356 16.97 13.10 -12.19
C PHE A 356 17.31 14.10 -11.08
N ASN A 357 18.56 14.53 -11.09
CA ASN A 357 19.13 15.53 -10.18
C ASN A 357 18.92 15.27 -8.69
N GLY A 358 18.97 13.99 -8.32
CA GLY A 358 18.90 13.57 -6.92
C GLY A 358 17.54 13.10 -6.46
N LYS A 359 16.57 13.08 -7.36
CA LYS A 359 15.23 12.58 -7.04
C LYS A 359 15.29 11.07 -6.73
N GLU A 360 14.74 10.66 -5.59
CA GLU A 360 14.71 9.24 -5.20
C GLU A 360 13.60 8.51 -5.96
N PRO A 361 13.88 7.27 -6.45
CA PRO A 361 12.84 6.46 -7.11
C PRO A 361 11.96 5.79 -6.05
N SER A 362 10.82 5.23 -6.45
CA SER A 362 10.04 4.44 -5.51
C SER A 362 10.93 3.27 -4.97
N ARG A 363 10.65 2.86 -3.74
CA ARG A 363 11.47 1.81 -3.12
C ARG A 363 10.62 0.90 -2.26
N GLY A 364 11.02 -0.36 -2.17
CA GLY A 364 10.39 -1.26 -1.21
C GLY A 364 9.90 -2.59 -1.73
N ILE A 365 9.76 -2.70 -3.06
CA ILE A 365 9.44 -3.97 -3.68
C ILE A 365 10.66 -4.36 -4.52
N ASN A 366 11.04 -5.63 -4.49
CA ASN A 366 12.11 -6.11 -5.35
C ASN A 366 11.79 -5.83 -6.81
N PRO A 367 12.76 -5.18 -7.54
CA PRO A 367 12.43 -4.68 -8.87
C PRO A 367 12.15 -5.80 -9.86
N ASP A 368 12.73 -6.98 -9.64
CA ASP A 368 12.46 -8.15 -10.49
C ASP A 368 11.15 -8.84 -10.14
N GLU A 369 10.48 -8.40 -9.08
CA GLU A 369 9.17 -8.94 -8.71
C GLU A 369 8.02 -7.96 -8.79
N ALA A 370 8.32 -6.66 -9.01
CA ALA A 370 7.29 -5.61 -9.01
C ALA A 370 6.20 -5.77 -10.07
N VAL A 371 6.57 -6.25 -11.26
CA VAL A 371 5.59 -6.50 -12.32
C VAL A 371 4.62 -7.62 -11.95
N ALA A 372 5.15 -8.76 -11.47
CA ALA A 372 4.31 -9.84 -10.97
C ALA A 372 3.42 -9.34 -9.79
N TYR A 373 3.99 -8.51 -8.94
CA TYR A 373 3.29 -8.00 -7.76
C TYR A 373 2.07 -7.22 -8.22
N GLY A 374 2.28 -6.26 -9.15
CA GLY A 374 1.17 -5.48 -9.73
C GLY A 374 0.11 -6.37 -10.37
N ALA A 375 0.54 -7.42 -11.09
CA ALA A 375 -0.44 -8.34 -11.68
C ALA A 375 -1.25 -9.09 -10.58
N ALA A 376 -0.58 -9.43 -9.48
CA ALA A 376 -1.24 -10.13 -8.38
C ALA A 376 -2.22 -9.20 -7.70
N VAL A 377 -1.88 -7.91 -7.65
CA VAL A 377 -2.78 -6.85 -7.09
C VAL A 377 -4.11 -6.84 -7.82
N GLN A 378 -4.07 -6.90 -9.15
CA GLN A 378 -5.27 -7.00 -10.00
C GLN A 378 -5.97 -8.35 -9.92
N ALA A 379 -5.19 -9.43 -9.90
CA ALA A 379 -5.74 -10.78 -9.72
C ALA A 379 -6.50 -10.92 -8.38
N GLY A 380 -6.05 -10.20 -7.36
CA GLY A 380 -6.71 -10.20 -6.04
C GLY A 380 -8.10 -9.59 -6.09
N VAL A 381 -8.23 -8.49 -6.83
CA VAL A 381 -9.55 -7.87 -7.03
C VAL A 381 -10.45 -8.81 -7.83
N LEU A 382 -9.88 -9.49 -8.82
CA LEU A 382 -10.65 -10.41 -9.67
C LEU A 382 -10.99 -11.71 -9.00
N SER A 383 -10.21 -12.11 -7.99
CA SER A 383 -10.46 -13.40 -7.30
C SER A 383 -11.77 -13.41 -6.50
N GLY A 384 -12.04 -12.30 -5.82
CA GLY A 384 -13.20 -12.17 -4.93
C GLY A 384 -12.75 -11.18 -3.87
N ASP B 3 -17.40 -19.04 10.50
CA ASP B 3 -18.62 -18.76 11.32
C ASP B 3 -18.53 -17.37 11.97
N VAL B 4 -17.42 -16.70 11.68
CA VAL B 4 -17.23 -15.32 12.10
C VAL B 4 -17.96 -14.40 11.11
N GLY B 5 -18.29 -14.94 9.94
CA GLY B 5 -18.93 -14.17 8.89
C GLY B 5 -17.96 -13.11 8.33
N THR B 6 -18.51 -11.98 7.90
CA THR B 6 -17.70 -10.82 7.59
C THR B 6 -17.45 -10.06 8.88
N VAL B 7 -16.21 -10.05 9.34
CA VAL B 7 -15.91 -9.29 10.53
C VAL B 7 -15.67 -7.81 10.17
N VAL B 8 -16.15 -6.93 11.03
CA VAL B 8 -16.08 -5.50 10.77
C VAL B 8 -14.93 -4.89 11.58
N GLY B 9 -14.39 -3.78 11.11
CA GLY B 9 -13.38 -3.09 11.91
C GLY B 9 -13.97 -1.78 12.38
N ILE B 10 -13.92 -1.50 13.69
CA ILE B 10 -14.62 -0.34 14.22
C ILE B 10 -13.70 0.56 15.07
N ASP B 11 -13.72 1.85 14.75
CA ASP B 11 -13.04 2.89 15.51
C ASP B 11 -14.15 3.44 16.43
N LEU B 12 -13.99 3.25 17.72
CA LEU B 12 -14.93 3.75 18.72
C LEU B 12 -14.30 4.98 19.34
N GLY B 13 -14.68 6.13 18.78
CA GLY B 13 -14.11 7.41 19.13
C GLY B 13 -14.79 8.11 20.26
N THR B 14 -14.07 9.06 20.86
CA THR B 14 -14.69 9.86 21.92
C THR B 14 -15.87 10.66 21.31
N THR B 15 -15.64 11.22 20.13
CA THR B 15 -16.60 12.11 19.50
C THR B 15 -17.25 11.53 18.23
N TYR B 16 -16.50 10.77 17.44
CA TYR B 16 -17.02 10.16 16.19
C TYR B 16 -16.50 8.73 15.97
N SER B 17 -17.38 7.83 15.59
CA SER B 17 -17.00 6.42 15.34
C SER B 17 -17.05 6.12 13.83
N CYS B 18 -16.32 5.08 13.40
CA CYS B 18 -16.20 4.76 11.96
C CYS B 18 -16.16 3.22 11.82
N VAL B 19 -16.77 2.65 10.77
CA VAL B 19 -16.79 1.17 10.59
C VAL B 19 -16.40 0.84 9.15
N GLY B 20 -15.50 -0.15 9.04
CA GLY B 20 -15.02 -0.61 7.75
C GLY B 20 -15.18 -2.12 7.60
N VAL B 21 -15.23 -2.57 6.35
CA VAL B 21 -15.10 -4.00 6.03
C VAL B 21 -14.08 -4.23 4.90
N PHE B 22 -13.62 -5.47 4.75
CA PHE B 22 -12.77 -5.82 3.62
C PHE B 22 -13.64 -6.64 2.66
N LYS B 23 -13.90 -6.04 1.50
CA LYS B 23 -14.80 -6.61 0.49
C LYS B 23 -14.10 -6.55 -0.86
N ASN B 24 -14.16 -7.66 -1.59
CA ASN B 24 -13.46 -7.80 -2.89
C ASN B 24 -12.08 -7.15 -3.03
N GLY B 25 -11.13 -7.58 -2.20
CA GLY B 25 -9.74 -7.17 -2.32
C GLY B 25 -9.31 -5.85 -1.73
N ARG B 26 -10.21 -5.20 -0.96
CA ARG B 26 -9.97 -3.85 -0.53
C ARG B 26 -10.88 -3.50 0.66
N VAL B 27 -10.46 -2.49 1.40
CA VAL B 27 -11.22 -2.00 2.54
C VAL B 27 -12.30 -1.07 1.99
N GLU B 28 -13.52 -1.23 2.52
CA GLU B 28 -14.56 -0.26 2.29
C GLU B 28 -14.93 0.45 3.60
N ILE B 29 -14.90 1.79 3.61
CA ILE B 29 -15.49 2.51 4.73
C ILE B 29 -16.99 2.69 4.44
N ILE B 30 -17.81 2.29 5.39
CA ILE B 30 -19.26 2.29 5.22
C ILE B 30 -19.93 3.58 5.72
N ALA B 31 -20.73 4.21 4.87
CA ALA B 31 -21.52 5.37 5.30
C ALA B 31 -22.79 4.96 6.05
N ASN B 32 -23.17 5.79 7.02
CA ASN B 32 -24.40 5.53 7.76
C ASN B 32 -25.68 5.96 7.00
N ASP B 33 -26.83 5.86 7.65
CA ASP B 33 -28.12 6.16 7.04
C ASP B 33 -28.25 7.62 6.64
N GLN B 34 -27.42 8.49 7.23
CA GLN B 34 -27.42 9.92 6.94
C GLN B 34 -26.38 10.28 5.90
N GLY B 35 -25.67 9.25 5.43
CA GLY B 35 -24.77 9.43 4.34
C GLY B 35 -23.39 9.83 4.79
N ASN B 36 -23.09 9.62 6.08
CA ASN B 36 -21.83 10.07 6.67
C ASN B 36 -20.89 8.90 6.96
N ARG B 37 -19.65 9.03 6.52
CA ARG B 37 -18.65 7.95 6.77
C ARG B 37 -18.10 7.89 8.20
N ILE B 38 -18.44 8.90 9.02
CA ILE B 38 -18.23 8.85 10.48
C ILE B 38 -19.58 9.17 11.16
N THR B 39 -19.73 8.69 12.40
CA THR B 39 -21.01 8.75 13.16
C THR B 39 -20.71 9.28 14.54
N PRO B 40 -21.47 10.33 15.00
CA PRO B 40 -21.32 10.85 16.37
C PRO B 40 -21.53 9.80 17.49
N SER B 41 -20.63 9.79 18.47
CA SER B 41 -20.70 8.85 19.57
C SER B 41 -21.73 9.39 20.59
N TYR B 42 -22.97 9.50 20.14
CA TYR B 42 -24.01 10.22 20.87
C TYR B 42 -25.24 9.37 20.97
N VAL B 43 -25.90 9.47 22.13
CA VAL B 43 -27.19 8.84 22.33
C VAL B 43 -28.13 9.91 22.95
N ALA B 44 -29.41 9.92 22.55
CA ALA B 44 -30.43 10.78 23.17
C ALA B 44 -31.76 10.07 23.31
N PHE B 45 -32.50 10.45 24.34
CA PHE B 45 -33.85 9.90 24.55
C PHE B 45 -34.82 11.05 24.46
N THR B 46 -35.93 10.82 23.77
CA THR B 46 -36.96 11.88 23.62
C THR B 46 -38.06 11.76 24.69
N PRO B 47 -38.83 12.85 24.95
CA PRO B 47 -39.98 12.72 25.87
C PRO B 47 -40.90 11.55 25.51
N GLU B 48 -41.15 11.29 24.23
CA GLU B 48 -41.92 10.10 23.83
C GLU B 48 -41.24 8.74 24.11
N GLY B 49 -39.93 8.74 24.34
CA GLY B 49 -39.20 7.52 24.66
C GLY B 49 -38.48 6.89 23.47
N GLU B 50 -38.36 7.63 22.38
CA GLU B 50 -37.55 7.22 21.21
C GLU B 50 -36.09 7.25 21.62
N ARG B 51 -35.32 6.26 21.19
CA ARG B 51 -33.88 6.24 21.46
C ARG B 51 -33.13 6.60 20.19
N LEU B 52 -32.41 7.71 20.21
CA LEU B 52 -31.72 8.16 19.02
C LEU B 52 -30.23 7.89 19.19
N ILE B 53 -29.54 7.50 18.11
CA ILE B 53 -28.08 7.23 18.19
C ILE B 53 -27.42 7.89 16.97
N GLY B 54 -26.29 8.56 17.18
CA GLY B 54 -25.52 9.10 16.08
C GLY B 54 -25.90 10.53 15.73
N ASP B 55 -25.98 10.79 14.43
CA ASP B 55 -26.25 12.15 13.93
C ASP B 55 -27.65 12.62 14.47
N ALA B 56 -28.65 11.76 14.37
CA ALA B 56 -30.01 12.05 14.93
C ALA B 56 -29.97 12.55 16.40
N ALA B 57 -29.15 11.88 17.24
CA ALA B 57 -28.95 12.27 18.64
C ALA B 57 -28.23 13.59 18.82
N LYS B 58 -27.14 13.79 18.07
CA LYS B 58 -26.34 15.01 18.18
C LYS B 58 -27.03 16.24 17.61
N ASN B 59 -27.73 16.06 16.49
CA ASN B 59 -28.26 17.21 15.75
C ASN B 59 -29.64 17.63 16.22
N GLN B 60 -30.18 16.85 17.15
CA GLN B 60 -31.44 17.16 17.78
C GLN B 60 -31.35 18.56 18.36
N LEU B 61 -32.42 19.33 18.20
CA LEU B 61 -32.46 20.73 18.61
C LEU B 61 -33.48 20.97 19.73
N THR B 62 -33.31 20.26 20.84
CA THR B 62 -34.25 20.37 21.94
C THR B 62 -33.46 20.57 23.24
N SER B 63 -33.03 21.82 23.46
CA SER B 63 -32.05 22.08 24.52
C SER B 63 -32.50 22.06 26.00
N ASN B 64 -32.75 20.85 26.47
CA ASN B 64 -32.24 20.46 27.77
C ASN B 64 -31.17 19.43 27.47
N PRO B 65 -29.91 19.75 27.79
CA PRO B 65 -28.81 18.82 27.57
C PRO B 65 -28.79 17.65 28.55
N GLU B 66 -29.87 17.44 29.30
CA GLU B 66 -29.83 16.44 30.37
C GLU B 66 -30.02 15.02 29.85
N ASN B 67 -30.76 14.84 28.76
CA ASN B 67 -31.04 13.49 28.32
C ASN B 67 -30.29 13.07 27.05
N THR B 68 -29.27 13.85 26.68
CA THR B 68 -28.36 13.41 25.61
C THR B 68 -26.97 13.17 26.18
N VAL B 69 -26.40 12.05 25.78
CA VAL B 69 -25.24 11.44 26.41
C VAL B 69 -24.19 11.30 25.32
N PHE B 70 -22.97 11.65 25.67
CA PHE B 70 -21.81 11.61 24.78
C PHE B 70 -20.63 11.50 25.71
N ASP B 71 -19.41 11.40 25.15
CA ASP B 71 -18.16 11.36 25.93
C ASP B 71 -18.09 10.18 26.87
N ALA B 72 -18.84 9.12 26.61
CA ALA B 72 -18.71 7.89 27.43
C ALA B 72 -17.31 7.29 27.44
N LYS B 73 -16.55 7.51 26.38
CA LYS B 73 -15.15 7.05 26.34
C LYS B 73 -14.31 7.63 27.47
N ARG B 74 -14.61 8.84 27.91
CA ARG B 74 -13.94 9.45 29.08
C ARG B 74 -14.14 8.70 30.39
N LEU B 75 -15.25 7.98 30.47
CA LEU B 75 -15.71 7.25 31.68
C LEU B 75 -15.54 5.72 31.64
N ILE B 76 -15.58 5.13 30.45
CA ILE B 76 -15.50 3.67 30.31
C ILE B 76 -14.26 3.02 31.00
N GLY B 77 -14.51 1.96 31.77
CA GLY B 77 -13.46 1.20 32.42
C GLY B 77 -12.78 1.95 33.55
N ARG B 78 -13.43 2.99 34.09
CA ARG B 78 -12.96 3.79 35.22
C ARG B 78 -13.94 3.68 36.39
N THR B 79 -13.40 3.81 37.61
CA THR B 79 -14.19 3.83 38.82
C THR B 79 -14.78 5.24 39.02
N TRP B 80 -15.87 5.29 39.78
CA TRP B 80 -16.51 6.52 40.18
C TRP B 80 -15.52 7.49 40.84
N ASN B 81 -14.71 7.01 41.78
CA ASN B 81 -13.79 7.88 42.50
C ASN B 81 -12.45 8.18 41.80
N ASP B 82 -12.29 7.67 40.59
CA ASP B 82 -11.13 8.00 39.75
C ASP B 82 -11.08 9.51 39.64
N PRO B 83 -9.93 10.13 40.04
CA PRO B 83 -9.66 11.55 39.94
C PRO B 83 -10.03 12.14 38.57
N SER B 84 -9.75 11.39 37.50
CA SER B 84 -10.12 11.76 36.12
C SER B 84 -11.62 11.94 35.94
N VAL B 85 -12.38 10.97 36.46
CA VAL B 85 -13.84 10.97 36.41
C VAL B 85 -14.41 12.15 37.20
N GLN B 86 -13.85 12.38 38.38
CA GLN B 86 -14.31 13.44 39.24
C GLN B 86 -14.10 14.81 38.62
N GLN B 87 -13.05 14.96 37.82
CA GLN B 87 -12.84 16.17 37.05
C GLN B 87 -13.83 16.31 35.86
N ASP B 88 -13.97 15.23 35.08
CA ASP B 88 -14.80 15.23 33.87
C ASP B 88 -16.31 15.41 34.09
N ILE B 89 -16.85 14.74 35.11
CA ILE B 89 -18.27 14.89 35.52
C ILE B 89 -18.68 16.36 35.81
N LYS B 90 -17.71 17.20 36.16
CA LYS B 90 -17.99 18.63 36.37
C LYS B 90 -18.40 19.33 35.08
N PHE B 91 -17.77 18.94 33.99
CA PHE B 91 -18.03 19.58 32.72
C PHE B 91 -19.13 18.89 31.91
N LEU B 92 -19.64 17.76 32.38
CA LEU B 92 -20.61 17.00 31.59
C LEU B 92 -22.03 17.43 31.98
N PRO B 93 -22.87 17.74 30.98
CA PRO B 93 -24.17 18.31 31.27
C PRO B 93 -25.20 17.28 31.69
N PHE B 94 -24.90 16.01 31.46
CA PHE B 94 -25.81 14.98 31.94
C PHE B 94 -25.35 14.51 33.30
N LYS B 95 -26.25 13.86 34.01
CA LYS B 95 -26.04 13.41 35.36
C LYS B 95 -25.24 12.09 35.41
N VAL B 96 -24.24 12.05 36.28
CA VAL B 96 -23.44 10.85 36.48
C VAL B 96 -23.44 10.56 37.96
N VAL B 97 -23.70 9.31 38.30
CA VAL B 97 -23.80 8.93 39.70
C VAL B 97 -22.96 7.69 40.05
N GLU B 98 -22.68 7.49 41.34
CA GLU B 98 -21.97 6.29 41.77
C GLU B 98 -22.90 5.09 41.84
N LYS B 99 -22.58 4.05 41.06
CA LYS B 99 -23.29 2.79 41.16
C LYS B 99 -22.32 1.64 40.90
N LYS B 100 -22.34 0.64 41.79
CA LYS B 100 -21.49 -0.54 41.68
C LYS B 100 -20.04 -0.14 41.45
N THR B 101 -19.57 0.89 42.17
CA THR B 101 -18.16 1.37 42.09
C THR B 101 -17.84 2.23 40.88
N LYS B 102 -18.80 2.32 39.95
CA LYS B 102 -18.65 3.00 38.65
C LYS B 102 -19.49 4.28 38.48
N PRO B 103 -19.10 5.13 37.49
CA PRO B 103 -19.93 6.27 37.13
C PRO B 103 -21.03 5.91 36.13
N TYR B 104 -22.25 5.74 36.62
CA TYR B 104 -23.35 5.36 35.76
C TYR B 104 -23.98 6.67 35.30
N ILE B 105 -24.46 6.69 34.07
CA ILE B 105 -25.12 7.87 33.52
C ILE B 105 -26.59 7.71 33.87
N GLN B 106 -27.19 8.75 34.43
CA GLN B 106 -28.62 8.76 34.79
C GLN B 106 -29.32 9.69 33.79
N VAL B 107 -30.37 9.19 33.13
CA VAL B 107 -31.16 9.97 32.18
C VAL B 107 -32.66 9.69 32.32
N ASP B 108 -33.47 10.52 31.70
CA ASP B 108 -34.89 10.23 31.66
C ASP B 108 -35.22 9.66 30.28
N ILE B 109 -35.65 8.41 30.24
CA ILE B 109 -35.84 7.72 28.94
C ILE B 109 -37.25 7.96 28.33
N GLY B 110 -38.00 8.89 28.92
CA GLY B 110 -39.35 9.17 28.47
C GLY B 110 -40.38 9.12 29.59
N GLY B 111 -41.25 10.12 29.62
CA GLY B 111 -42.32 10.19 30.64
C GLY B 111 -41.82 10.35 32.06
N GLY B 112 -40.60 10.86 32.22
CA GLY B 112 -39.97 11.02 33.55
C GLY B 112 -39.55 9.73 34.24
N GLN B 113 -39.51 8.64 33.48
CA GLN B 113 -38.91 7.40 33.96
C GLN B 113 -37.38 7.50 33.89
N THR B 114 -36.73 7.40 35.05
CA THR B 114 -35.30 7.55 35.17
C THR B 114 -34.63 6.18 34.99
N LYS B 115 -33.50 6.16 34.26
CA LYS B 115 -32.72 4.93 34.04
C LYS B 115 -31.25 5.27 34.19
N THR B 116 -30.48 4.27 34.63
CA THR B 116 -29.03 4.50 34.74
C THR B 116 -28.29 3.51 33.85
N PHE B 117 -27.21 3.98 33.22
CA PHE B 117 -26.49 3.16 32.24
C PHE B 117 -25.03 3.20 32.57
N ALA B 118 -24.37 2.04 32.57
CA ALA B 118 -22.92 1.98 32.76
C ALA B 118 -22.32 2.67 31.52
N PRO B 119 -21.11 3.20 31.64
CA PRO B 119 -20.48 3.76 30.41
C PRO B 119 -20.43 2.76 29.23
N GLU B 120 -20.18 1.48 29.52
CA GLU B 120 -20.11 0.45 28.47
C GLU B 120 -21.46 0.17 27.84
N GLU B 121 -22.56 0.38 28.58
CA GLU B 121 -23.90 0.26 27.98
C GLU B 121 -24.17 1.38 26.96
N ILE B 122 -23.72 2.61 27.26
CA ILE B 122 -23.78 3.73 26.31
C ILE B 122 -22.93 3.44 25.09
N SER B 123 -21.72 2.94 25.31
CA SER B 123 -20.83 2.64 24.19
C SER B 123 -21.37 1.53 23.36
N ALA B 124 -22.05 0.59 24.03
CA ALA B 124 -22.72 -0.49 23.36
C ALA B 124 -23.80 0.01 22.43
N MET B 125 -24.54 1.04 22.82
CA MET B 125 -25.54 1.61 21.93
C MET B 125 -24.84 2.19 20.67
N VAL B 126 -23.67 2.81 20.83
CA VAL B 126 -22.94 3.37 19.67
C VAL B 126 -22.48 2.25 18.74
N LEU B 127 -21.90 1.19 19.33
CA LEU B 127 -21.49 0.00 18.58
C LEU B 127 -22.64 -0.68 17.85
N THR B 128 -23.83 -0.69 18.47
CA THR B 128 -25.07 -1.20 17.80
C THR B 128 -25.35 -0.44 16.52
N LYS B 129 -25.32 0.89 16.60
CA LYS B 129 -25.50 1.75 15.43
C LYS B 129 -24.42 1.48 14.34
N MET B 130 -23.15 1.39 14.73
CA MET B 130 -22.09 0.98 13.77
C MET B 130 -22.37 -0.41 13.16
N LYS B 131 -22.84 -1.34 13.98
CA LYS B 131 -23.21 -2.68 13.51
C LYS B 131 -24.37 -2.62 12.52
N GLU B 132 -25.42 -1.85 12.82
CA GLU B 132 -26.55 -1.69 11.88
C GLU B 132 -26.13 -1.02 10.56
N THR B 133 -25.15 -0.11 10.63
CA THR B 133 -24.61 0.58 9.45
C THR B 133 -23.98 -0.47 8.51
N ALA B 134 -23.22 -1.41 9.08
CA ALA B 134 -22.50 -2.39 8.28
C ALA B 134 -23.43 -3.45 7.72
N GLU B 135 -24.43 -3.82 8.50
CA GLU B 135 -25.41 -4.86 8.13
C GLU B 135 -26.23 -4.36 6.93
N ALA B 136 -26.50 -3.06 6.93
CA ALA B 136 -27.30 -2.43 5.87
C ALA B 136 -26.53 -2.48 4.60
N TYR B 137 -25.23 -2.19 4.70
CA TYR B 137 -24.30 -2.30 3.58
C TYR B 137 -24.16 -3.74 3.05
N LEU B 138 -23.94 -4.70 3.96
CA LEU B 138 -23.59 -6.07 3.59
C LEU B 138 -24.80 -6.91 3.19
N GLY B 139 -25.98 -6.53 3.71
CA GLY B 139 -27.21 -7.28 3.51
C GLY B 139 -27.27 -8.61 4.25
N LYS B 140 -26.58 -8.68 5.38
CA LYS B 140 -26.54 -9.87 6.23
C LYS B 140 -26.08 -9.47 7.61
N LYS B 141 -26.25 -10.38 8.57
CA LYS B 141 -25.93 -10.13 9.95
C LYS B 141 -24.42 -10.07 10.18
N VAL B 142 -24.05 -9.20 11.11
CA VAL B 142 -22.68 -9.03 11.61
C VAL B 142 -22.65 -9.49 13.06
N THR B 143 -21.69 -10.33 13.38
CA THR B 143 -21.56 -10.89 14.74
C THR B 143 -20.20 -10.67 15.38
N HIS B 144 -19.21 -10.34 14.55
CA HIS B 144 -17.81 -10.26 15.01
C HIS B 144 -17.13 -8.97 14.50
N ALA B 145 -16.19 -8.49 15.30
CA ALA B 145 -15.55 -7.21 15.08
C ALA B 145 -14.14 -7.19 15.61
N VAL B 146 -13.32 -6.34 14.98
CA VAL B 146 -12.07 -5.86 15.58
C VAL B 146 -12.30 -4.41 16.03
N VAL B 147 -12.03 -4.09 17.31
CA VAL B 147 -12.35 -2.75 17.83
C VAL B 147 -11.08 -2.12 18.34
N THR B 148 -10.94 -0.81 18.18
CA THR B 148 -9.71 -0.14 18.55
C THR B 148 -9.87 0.71 19.80
N VAL B 149 -8.72 0.95 20.46
CA VAL B 149 -8.64 1.72 21.71
C VAL B 149 -7.36 2.55 21.70
N PRO B 150 -7.35 3.65 22.45
CA PRO B 150 -6.06 4.37 22.56
C PRO B 150 -4.94 3.53 23.17
N ALA B 151 -3.69 3.79 22.78
CA ALA B 151 -2.59 2.91 23.20
C ALA B 151 -2.41 2.90 24.71
N TYR B 152 -2.79 4.00 25.36
CA TYR B 152 -2.66 4.11 26.81
C TYR B 152 -3.82 3.47 27.63
N PHE B 153 -4.88 3.05 26.98
CA PHE B 153 -5.93 2.29 27.70
C PHE B 153 -5.35 1.16 28.53
N ASN B 154 -5.85 1.04 29.75
CA ASN B 154 -5.36 0.01 30.68
C ASN B 154 -6.23 -1.22 30.64
N ASP B 155 -6.00 -2.18 31.54
CA ASP B 155 -6.71 -3.47 31.48
C ASP B 155 -8.22 -3.30 31.61
N ALA B 156 -8.63 -2.44 32.54
CA ALA B 156 -10.08 -2.26 32.82
C ALA B 156 -10.78 -1.60 31.64
N GLN B 157 -10.12 -0.59 31.02
CA GLN B 157 -10.74 0.13 29.89
C GLN B 157 -10.79 -0.75 28.63
N ARG B 158 -9.74 -1.52 28.39
CA ARG B 158 -9.80 -2.59 27.32
C ARG B 158 -10.94 -3.60 27.54
N GLN B 159 -11.04 -4.16 28.74
CA GLN B 159 -12.14 -5.08 29.05
C GLN B 159 -13.52 -4.48 28.91
N ALA B 160 -13.76 -3.28 29.45
CA ALA B 160 -15.07 -2.62 29.38
C ALA B 160 -15.46 -2.39 27.90
N THR B 161 -14.44 -2.15 27.06
CA THR B 161 -14.66 -1.95 25.62
C THR B 161 -15.10 -3.25 24.94
N LYS B 162 -14.47 -4.37 25.27
CA LYS B 162 -14.96 -5.68 24.79
C LYS B 162 -16.37 -5.92 25.33
N ASP B 163 -16.63 -5.54 26.59
CA ASP B 163 -17.98 -5.79 27.17
C ASP B 163 -19.03 -4.96 26.44
N ALA B 164 -18.68 -3.74 26.03
CA ALA B 164 -19.57 -2.92 25.16
C ALA B 164 -19.98 -3.69 23.92
N GLY B 165 -18.98 -4.33 23.29
CA GLY B 165 -19.21 -5.17 22.11
C GLY B 165 -20.14 -6.30 22.47
N THR B 166 -19.86 -6.97 23.58
CA THR B 166 -20.74 -8.07 23.96
C THR B 166 -22.22 -7.61 24.07
N ILE B 167 -22.46 -6.48 24.75
CA ILE B 167 -23.83 -5.98 25.02
C ILE B 167 -24.50 -5.65 23.70
N ALA B 168 -23.70 -5.13 22.78
CA ALA B 168 -24.18 -4.82 21.43
C ALA B 168 -24.36 -6.06 20.50
N GLY B 169 -24.04 -7.28 20.94
CA GLY B 169 -24.18 -8.43 20.02
C GLY B 169 -22.94 -8.69 19.16
N LEU B 170 -21.80 -8.11 19.54
CA LEU B 170 -20.55 -8.30 18.79
C LEU B 170 -19.51 -9.09 19.58
N ASN B 171 -19.02 -10.17 18.97
CA ASN B 171 -17.86 -10.84 19.50
C ASN B 171 -16.60 -10.05 19.11
N VAL B 172 -16.01 -9.33 20.07
CA VAL B 172 -14.83 -8.52 19.79
C VAL B 172 -13.61 -9.46 19.82
N MET B 173 -13.21 -9.89 18.63
CA MET B 173 -12.15 -10.89 18.44
C MET B 173 -10.78 -10.38 18.82
N ARG B 174 -10.60 -9.09 18.66
CA ARG B 174 -9.33 -8.43 18.99
C ARG B 174 -9.55 -6.96 19.34
N ILE B 175 -8.87 -6.48 20.38
CA ILE B 175 -8.76 -5.07 20.68
C ILE B 175 -7.36 -4.66 20.23
N ILE B 176 -7.25 -3.75 19.27
CA ILE B 176 -5.94 -3.24 18.88
C ILE B 176 -5.79 -1.74 19.16
N ASN B 177 -4.55 -1.27 19.20
CA ASN B 177 -4.27 0.14 19.56
C ASN B 177 -4.58 0.98 18.36
N GLU B 178 -5.18 2.16 18.59
CA GLU B 178 -5.49 3.11 17.51
C GLU B 178 -4.27 3.53 16.66
N PRO B 179 -3.14 3.89 17.30
CA PRO B 179 -2.01 4.27 16.40
C PRO B 179 -1.49 3.13 15.55
N THR B 180 -1.52 1.90 16.07
CA THR B 180 -1.08 0.75 15.29
C THR B 180 -2.03 0.49 14.12
N ALA B 181 -3.32 0.59 14.38
CA ALA B 181 -4.37 0.44 13.38
C ALA B 181 -4.10 1.42 12.23
N ALA B 182 -3.72 2.65 12.58
CA ALA B 182 -3.47 3.70 11.61
C ALA B 182 -2.25 3.34 10.76
N ALA B 183 -1.21 2.79 11.40
CA ALA B 183 0.03 2.45 10.72
C ALA B 183 -0.18 1.26 9.78
N ILE B 184 -1.07 0.33 10.16
CA ILE B 184 -1.50 -0.81 9.33
C ILE B 184 -2.27 -0.32 8.10
N ALA B 185 -3.22 0.61 8.31
CA ALA B 185 -3.95 1.26 7.21
C ALA B 185 -3.00 1.75 6.09
N TYR B 186 -1.88 2.33 6.46
CA TYR B 186 -0.88 2.76 5.47
C TYR B 186 0.11 1.68 5.02
N GLY B 187 -0.08 0.45 5.51
CA GLY B 187 0.75 -0.69 5.14
C GLY B 187 2.18 -0.57 5.64
N LEU B 188 2.35 0.07 6.79
CA LEU B 188 3.69 0.33 7.33
C LEU B 188 4.32 -0.94 7.93
N ASP B 189 3.47 -1.95 8.15
CA ASP B 189 3.94 -3.26 8.63
C ASP B 189 4.48 -4.13 7.49
N LYS B 190 4.36 -3.64 6.27
CA LYS B 190 4.98 -4.24 5.09
C LYS B 190 6.38 -3.65 4.87
N ARG B 191 6.91 -2.90 5.83
CA ARG B 191 8.21 -2.25 5.67
C ARG B 191 9.40 -3.04 6.25
N GLU B 192 10.40 -3.26 5.40
CA GLU B 192 11.63 -4.00 5.73
C GLU B 192 12.54 -3.18 6.64
N GLY B 193 13.05 -3.82 7.70
CA GLY B 193 13.96 -3.17 8.64
C GLY B 193 13.22 -2.54 9.80
N GLU B 194 13.98 -1.88 10.66
CA GLU B 194 13.43 -1.31 11.90
C GLU B 194 13.20 0.19 11.76
N LYS B 195 11.94 0.61 11.84
CA LYS B 195 11.56 2.00 11.55
C LYS B 195 10.84 2.65 12.73
N ASN B 196 11.03 3.96 12.89
CA ASN B 196 10.33 4.76 13.90
C ASN B 196 9.15 5.45 13.25
N ILE B 197 7.98 5.25 13.85
CA ILE B 197 6.76 5.84 13.33
C ILE B 197 6.21 6.81 14.38
N LEU B 198 5.89 8.03 13.97
CA LEU B 198 5.27 8.98 14.89
C LEU B 198 3.84 9.16 14.46
N VAL B 199 2.94 8.94 15.39
CA VAL B 199 1.51 9.03 15.08
C VAL B 199 0.95 10.23 15.78
N PHE B 200 0.41 11.14 14.98
CA PHE B 200 -0.06 12.46 15.43
C PHE B 200 -1.60 12.45 15.25
N ASP B 201 -2.32 12.29 16.36
CA ASP B 201 -3.77 12.02 16.34
C ASP B 201 -4.57 13.11 17.04
N LEU B 202 -5.10 14.04 16.23
CA LEU B 202 -5.95 15.12 16.76
C LEU B 202 -7.39 14.98 16.29
N GLY B 203 -8.26 14.57 17.20
CA GLY B 203 -9.65 14.31 16.90
C GLY B 203 -10.57 15.42 17.39
N GLY B 204 -11.75 15.05 17.88
CA GLY B 204 -12.75 16.01 18.38
C GLY B 204 -12.58 16.42 19.83
N GLY B 205 -12.22 15.43 20.65
CA GLY B 205 -12.07 15.61 22.09
C GLY B 205 -10.66 15.50 22.62
N THR B 206 -9.77 14.82 21.87
CA THR B 206 -8.49 14.40 22.41
C THR B 206 -7.35 14.56 21.45
N PHE B 207 -6.16 14.75 22.03
CA PHE B 207 -4.90 14.79 21.28
C PHE B 207 -3.99 13.68 21.80
N ASP B 208 -3.70 12.70 20.92
CA ASP B 208 -2.81 11.58 21.26
C ASP B 208 -1.58 11.61 20.34
N VAL B 209 -0.41 11.55 20.95
CA VAL B 209 0.83 11.38 20.17
C VAL B 209 1.43 10.05 20.59
N SER B 210 1.81 9.22 19.62
CA SER B 210 2.40 7.90 19.93
C SER B 210 3.62 7.66 19.07
N LEU B 211 4.64 7.08 19.67
CA LEU B 211 5.82 6.70 18.91
C LEU B 211 5.84 5.20 18.92
N LEU B 212 5.78 4.60 17.74
CA LEU B 212 5.88 3.14 17.67
C LEU B 212 7.14 2.76 16.91
N THR B 213 7.50 1.49 17.00
CA THR B 213 8.54 0.90 16.17
C THR B 213 7.88 -0.24 15.40
N ILE B 214 8.23 -0.36 14.12
CA ILE B 214 7.94 -1.55 13.36
C ILE B 214 9.27 -2.27 13.15
N ASP B 215 9.31 -3.56 13.50
CA ASP B 215 10.51 -4.36 13.23
C ASP B 215 10.12 -5.77 12.77
N ASN B 216 10.46 -6.04 11.50
CA ASN B 216 10.22 -7.34 10.86
C ASN B 216 8.75 -7.75 11.00
N GLY B 217 7.86 -6.80 10.64
CA GLY B 217 6.41 -7.00 10.69
C GLY B 217 5.73 -6.89 12.04
N VAL B 218 6.47 -6.47 13.07
CA VAL B 218 5.95 -6.41 14.46
C VAL B 218 6.00 -5.01 15.12
N PHE B 219 4.84 -4.50 15.53
CA PHE B 219 4.76 -3.15 16.17
C PHE B 219 5.00 -3.18 17.69
N GLU B 220 5.70 -2.16 18.22
CA GLU B 220 5.75 -1.91 19.66
C GLU B 220 5.44 -0.43 19.90
N VAL B 221 4.61 -0.16 20.91
CA VAL B 221 4.32 1.22 21.33
C VAL B 221 5.39 1.56 22.35
N VAL B 222 6.25 2.52 21.99
CA VAL B 222 7.41 2.93 22.79
C VAL B 222 7.10 4.06 23.76
N ALA B 223 6.47 5.12 23.24
CA ALA B 223 6.08 6.26 24.05
C ALA B 223 4.72 6.82 23.60
N THR B 224 3.96 7.35 24.55
CA THR B 224 2.72 8.09 24.23
C THR B 224 2.67 9.39 25.03
N ASN B 225 2.10 10.44 24.43
CA ASN B 225 1.78 11.65 25.17
C ASN B 225 0.59 12.34 24.50
N GLY B 226 0.31 13.57 24.92
CA GLY B 226 -0.77 14.36 24.35
C GLY B 226 -1.53 15.16 25.39
N ASP B 227 -2.78 15.45 25.06
CA ASP B 227 -3.63 16.25 25.93
C ASP B 227 -5.06 15.71 25.76
N THR B 228 -5.58 15.13 26.83
CA THR B 228 -6.90 14.51 26.84
C THR B 228 -8.07 15.52 26.72
N HIS B 229 -7.78 16.81 26.81
CA HIS B 229 -8.83 17.84 26.67
C HIS B 229 -8.51 18.88 25.59
N LEU B 230 -7.97 18.40 24.48
CA LEU B 230 -7.61 19.24 23.34
C LEU B 230 -8.02 18.53 22.08
N GLY B 231 -8.91 19.17 21.32
CA GLY B 231 -9.49 18.57 20.11
C GLY B 231 -10.26 19.60 19.31
N GLY B 232 -10.88 19.16 18.21
CA GLY B 232 -11.65 20.03 17.32
C GLY B 232 -12.81 20.76 18.00
N GLU B 233 -13.36 20.15 19.04
CA GLU B 233 -14.43 20.77 19.82
C GLU B 233 -13.99 22.08 20.47
N ASP B 234 -12.71 22.15 20.85
CA ASP B 234 -12.17 23.37 21.48
C ASP B 234 -11.99 24.45 20.45
N PHE B 235 -11.65 24.07 19.21
CA PHE B 235 -11.51 25.00 18.09
C PHE B 235 -12.88 25.62 17.78
N ASP B 236 -13.92 24.77 17.66
CA ASP B 236 -15.32 25.21 17.58
C ASP B 236 -15.70 26.28 18.64
N GLN B 237 -15.40 26.00 19.90
CA GLN B 237 -15.69 26.94 21.02
C GLN B 237 -15.01 28.31 20.90
N ARG B 238 -13.80 28.32 20.35
CA ARG B 238 -13.10 29.57 20.01
C ARG B 238 -13.87 30.41 19.01
N VAL B 239 -14.41 29.75 17.99
CA VAL B 239 -15.19 30.40 16.93
C VAL B 239 -16.56 30.86 17.49
N MET B 240 -17.20 30.03 18.32
CA MET B 240 -18.43 30.45 18.97
C MET B 240 -18.24 31.74 19.77
N GLU B 241 -17.21 31.79 20.62
CA GLU B 241 -16.89 32.99 21.42
C GLU B 241 -16.83 34.23 20.52
N HIS B 242 -16.06 34.13 19.44
CA HIS B 242 -15.87 35.21 18.50
C HIS B 242 -17.20 35.72 17.90
N PHE B 243 -18.09 34.80 17.57
CA PHE B 243 -19.37 35.19 16.99
C PHE B 243 -20.39 35.64 18.00
N ILE B 244 -20.33 35.07 19.19
CA ILE B 244 -21.19 35.52 20.28
C ILE B 244 -20.81 36.97 20.65
N LYS B 245 -19.50 37.26 20.60
CA LYS B 245 -19.01 38.61 20.86
C LYS B 245 -19.33 39.58 19.72
N LEU B 246 -19.08 39.18 18.47
CA LEU B 246 -19.42 40.02 17.33
C LEU B 246 -20.92 40.35 17.30
N TYR B 247 -21.77 39.34 17.48
CA TYR B 247 -23.23 39.54 17.57
C TYR B 247 -23.56 40.66 18.55
N LYS B 248 -22.94 40.65 19.74
CA LYS B 248 -23.14 41.72 20.74
C LYS B 248 -22.68 43.11 20.24
N LYS B 249 -21.47 43.22 19.71
CA LYS B 249 -21.08 44.47 19.05
C LYS B 249 -22.16 44.97 18.07
N LYS B 250 -22.72 44.05 17.29
CA LYS B 250 -23.72 44.43 16.31
C LYS B 250 -25.10 44.80 16.89
N THR B 251 -25.59 44.02 17.85
CA THR B 251 -27.00 44.07 18.25
C THR B 251 -27.24 44.49 19.69
N GLY B 252 -26.18 44.57 20.49
CA GLY B 252 -26.32 44.79 21.93
C GLY B 252 -26.88 43.59 22.67
N LYS B 253 -27.36 42.60 21.92
CA LYS B 253 -27.91 41.36 22.50
C LYS B 253 -26.83 40.31 22.77
N ASP B 254 -26.91 39.69 23.94
CA ASP B 254 -26.02 38.61 24.32
C ASP B 254 -26.79 37.29 24.20
N VAL B 255 -26.41 36.54 23.18
CA VAL B 255 -27.07 35.32 22.74
C VAL B 255 -26.90 34.17 23.72
N ARG B 256 -25.85 34.27 24.53
CA ARG B 256 -25.57 33.33 25.60
C ARG B 256 -26.76 33.20 26.58
N LYS B 257 -27.58 34.25 26.67
CA LYS B 257 -28.83 34.20 27.47
C LYS B 257 -29.87 33.17 26.96
N ASP B 258 -29.52 32.37 25.93
CA ASP B 258 -30.45 31.38 25.36
C ASP B 258 -29.73 30.22 24.67
N ASN B 259 -30.10 29.01 25.08
CA ASN B 259 -29.41 27.77 24.67
C ASN B 259 -29.72 27.12 23.31
N ARG B 260 -30.97 27.10 22.84
CA ARG B 260 -31.24 26.50 21.52
C ARG B 260 -30.50 27.27 20.42
N ALA B 261 -30.19 28.53 20.70
CA ALA B 261 -29.47 29.39 19.78
C ALA B 261 -27.97 29.09 19.78
N VAL B 262 -27.38 28.83 20.96
CA VAL B 262 -25.96 28.43 21.05
C VAL B 262 -25.75 27.10 20.28
N GLN B 263 -26.74 26.23 20.40
CA GLN B 263 -26.76 24.93 19.77
C GLN B 263 -26.81 24.99 18.24
N LYS B 264 -27.68 25.84 17.70
CA LYS B 264 -27.73 26.03 16.25
C LYS B 264 -26.40 26.60 15.77
N LEU B 265 -25.89 27.57 16.53
CA LEU B 265 -24.61 28.20 16.21
C LEU B 265 -23.45 27.19 16.24
N ARG B 266 -23.48 26.27 17.20
CA ARG B 266 -22.44 25.28 17.31
C ARG B 266 -22.44 24.39 16.08
N ARG B 267 -23.65 24.04 15.63
CA ARG B 267 -23.76 23.16 14.46
C ARG B 267 -23.23 23.85 13.20
N GLU B 268 -23.60 25.11 12.99
CA GLU B 268 -23.10 25.84 11.82
C GLU B 268 -21.62 26.19 11.93
N VAL B 269 -21.14 26.40 13.15
CA VAL B 269 -19.71 26.67 13.32
C VAL B 269 -18.84 25.45 12.98
N GLU B 270 -19.35 24.25 13.31
CA GLU B 270 -18.63 23.00 13.02
C GLU B 270 -18.59 22.69 11.50
N LYS B 271 -19.74 22.83 10.83
CA LYS B 271 -19.81 22.78 9.35
C LYS B 271 -18.88 23.77 8.68
N ALA B 272 -18.92 25.03 9.15
CA ALA B 272 -18.09 26.08 8.58
C ALA B 272 -16.59 25.81 8.77
N LYS B 273 -16.20 25.33 9.96
CA LYS B 273 -14.84 24.84 10.20
C LYS B 273 -14.45 23.77 9.15
N ARG B 274 -15.32 22.80 8.92
CA ARG B 274 -15.00 21.72 8.01
C ARG B 274 -14.90 22.25 6.57
N ALA B 275 -15.79 23.19 6.25
CA ALA B 275 -15.79 23.94 4.99
C ALA B 275 -14.42 24.46 4.66
N LEU B 276 -13.81 25.10 5.66
CA LEU B 276 -12.57 25.83 5.52
C LEU B 276 -11.34 24.94 5.45
N SER B 277 -11.54 23.63 5.45
CA SER B 277 -10.43 22.71 5.21
C SER B 277 -10.06 22.70 3.74
N SER B 278 -11.08 22.58 2.89
CA SER B 278 -10.97 22.81 1.46
C SER B 278 -10.95 24.30 1.13
N GLN B 279 -12.14 24.91 1.08
CA GLN B 279 -12.36 26.33 0.69
C GLN B 279 -11.64 27.34 1.58
N HIS B 280 -11.69 28.62 1.18
CA HIS B 280 -11.05 29.73 1.94
C HIS B 280 -12.10 30.62 2.67
N GLN B 281 -13.36 30.42 2.34
CA GLN B 281 -14.47 31.12 3.00
C GLN B 281 -15.67 30.22 3.24
N ALA B 282 -16.46 30.65 4.21
CA ALA B 282 -17.67 29.96 4.61
C ALA B 282 -18.58 30.99 5.25
N ARG B 283 -19.86 30.90 4.92
CA ARG B 283 -20.84 31.77 5.54
C ARG B 283 -21.54 30.95 6.61
N ILE B 284 -21.90 31.61 7.70
CA ILE B 284 -22.69 30.97 8.73
C ILE B 284 -23.95 31.79 8.74
N GLU B 285 -25.06 31.13 8.41
CA GLU B 285 -26.33 31.81 8.46
C GLU B 285 -27.34 30.98 9.25
N ILE B 286 -28.08 31.67 10.10
CA ILE B 286 -29.14 31.04 10.86
C ILE B 286 -30.34 31.97 10.75
N GLU B 287 -31.45 31.40 10.30
CA GLU B 287 -32.71 32.09 10.22
C GLU B 287 -33.38 32.00 11.57
N SER B 288 -33.95 33.12 12.02
CA SER B 288 -34.62 33.21 13.34
C SER B 288 -33.72 32.75 14.49
N PHE B 289 -32.46 33.16 14.42
CA PHE B 289 -31.41 32.88 15.40
C PHE B 289 -31.74 33.18 16.87
N TYR B 290 -32.09 34.44 17.15
CA TYR B 290 -32.32 34.91 18.53
C TYR B 290 -33.40 35.99 18.50
N GLU B 291 -34.54 35.72 19.17
CA GLU B 291 -35.69 36.66 19.19
C GLU B 291 -36.21 36.97 17.78
N GLY B 292 -36.31 35.92 16.96
CA GLY B 292 -36.72 36.03 15.55
C GLY B 292 -35.79 36.76 14.58
N GLU B 293 -34.64 37.24 15.06
CA GLU B 293 -33.66 37.89 14.19
C GLU B 293 -32.76 36.86 13.50
N ASP B 294 -32.17 37.24 12.37
CA ASP B 294 -31.31 36.35 11.62
C ASP B 294 -29.85 36.59 11.94
N PHE B 295 -29.08 35.52 11.92
CA PHE B 295 -27.62 35.56 12.05
C PHE B 295 -27.04 35.37 10.66
N SER B 296 -26.09 36.23 10.30
CA SER B 296 -25.29 36.04 9.08
C SER B 296 -23.92 36.65 9.21
N GLU B 297 -22.92 35.79 9.27
CA GLU B 297 -21.57 36.27 9.25
C GLU B 297 -20.77 35.36 8.32
N THR B 298 -19.57 35.81 7.97
CA THR B 298 -18.73 34.99 7.12
C THR B 298 -17.51 34.69 7.93
N LEU B 299 -16.99 33.49 7.75
CA LEU B 299 -15.73 33.16 8.37
C LEU B 299 -14.76 32.73 7.26
N THR B 300 -13.55 33.27 7.37
CA THR B 300 -12.49 32.96 6.43
C THR B 300 -11.49 32.01 7.11
N ARG B 301 -10.81 31.17 6.30
CA ARG B 301 -9.75 30.31 6.82
C ARG B 301 -8.81 31.12 7.66
N ALA B 302 -8.48 32.30 7.16
CA ALA B 302 -7.49 33.16 7.77
C ALA B 302 -7.87 33.48 9.19
N LYS B 303 -9.10 33.95 9.41
CA LYS B 303 -9.61 34.22 10.76
C LYS B 303 -9.74 32.93 11.57
N PHE B 304 -10.16 31.84 10.93
CA PHE B 304 -10.23 30.54 11.64
C PHE B 304 -8.88 30.21 12.25
N GLU B 305 -7.85 30.16 11.39
CA GLU B 305 -6.45 29.95 11.82
C GLU B 305 -6.02 30.90 12.94
N GLU B 306 -6.33 32.19 12.78
CA GLU B 306 -5.96 33.25 13.73
C GLU B 306 -6.54 33.00 15.14
N LEU B 307 -7.82 32.60 15.22
CA LEU B 307 -8.51 32.36 16.50
C LEU B 307 -7.96 31.18 17.32
N ASN B 308 -7.25 30.28 16.63
CA ASN B 308 -6.84 29.00 17.21
C ASN B 308 -5.34 28.76 17.12
N MET B 309 -4.62 29.71 16.50
CA MET B 309 -3.15 29.65 16.39
C MET B 309 -2.44 29.15 17.64
N ASP B 310 -2.79 29.70 18.80
CA ASP B 310 -2.22 29.23 20.07
C ASP B 310 -2.48 27.74 20.38
N LEU B 311 -3.73 27.29 20.22
CA LEU B 311 -4.05 25.87 20.48
C LEU B 311 -3.33 25.00 19.45
N PHE B 312 -3.23 25.46 18.20
CA PHE B 312 -2.55 24.72 17.14
C PHE B 312 -1.05 24.51 17.46
N ARG B 313 -0.42 25.57 17.95
CA ARG B 313 0.99 25.52 18.34
C ARG B 313 1.27 24.67 19.57
N SER B 314 0.29 24.54 20.46
CA SER B 314 0.50 23.73 21.66
C SER B 314 0.60 22.21 21.36
N THR B 315 0.22 21.80 20.15
CA THR B 315 0.26 20.38 19.78
C THR B 315 1.69 19.88 19.53
N MET B 316 2.60 20.79 19.20
CA MET B 316 4.00 20.43 18.92
C MET B 316 4.77 20.03 20.19
N LYS B 317 4.40 20.62 21.32
CA LYS B 317 5.02 20.27 22.61
C LYS B 317 5.07 18.75 22.91
N PRO B 318 3.90 18.07 23.03
CA PRO B 318 3.90 16.60 23.29
C PRO B 318 4.67 15.76 22.26
N VAL B 319 4.85 16.28 21.05
CA VAL B 319 5.65 15.60 20.04
C VAL B 319 7.13 15.62 20.45
N GLN B 320 7.58 16.76 20.96
CA GLN B 320 8.95 16.88 21.45
C GLN B 320 9.16 16.02 22.68
N LYS B 321 8.16 16.01 23.55
CA LYS B 321 8.21 15.17 24.76
C LYS B 321 8.26 13.66 24.44
N VAL B 322 7.57 13.26 23.38
CA VAL B 322 7.56 11.85 22.93
C VAL B 322 8.92 11.47 22.29
N LEU B 323 9.44 12.34 21.43
CA LEU B 323 10.77 12.19 20.86
C LEU B 323 11.82 12.13 21.96
N GLU B 324 11.65 12.99 22.96
CA GLU B 324 12.52 13.07 24.14
C GLU B 324 12.51 11.76 24.94
N ASP B 325 11.33 11.31 25.35
CA ASP B 325 11.21 10.17 26.26
C ASP B 325 11.76 8.87 25.67
N SER B 326 11.89 8.83 24.34
CA SER B 326 12.35 7.64 23.66
C SER B 326 13.74 7.80 23.02
N ASP B 327 14.51 8.79 23.50
CA ASP B 327 15.88 9.06 23.06
C ASP B 327 16.00 9.08 21.54
N LEU B 328 15.18 9.93 20.91
CA LEU B 328 15.20 10.11 19.47
C LEU B 328 15.23 11.58 19.06
N LYS B 329 15.52 11.81 17.78
CA LYS B 329 15.54 13.13 17.18
C LYS B 329 14.58 13.14 16.01
N LYS B 330 14.26 14.33 15.52
CA LYS B 330 13.34 14.48 14.39
C LYS B 330 13.79 13.71 13.15
N SER B 331 15.10 13.72 12.91
CA SER B 331 15.71 13.01 11.76
C SER B 331 15.46 11.52 11.86
N ASP B 332 15.36 11.02 13.10
CA ASP B 332 15.06 9.63 13.40
C ASP B 332 13.68 9.10 12.95
N ILE B 333 12.71 9.99 12.74
CA ILE B 333 11.37 9.56 12.35
C ILE B 333 11.35 9.18 10.87
N ASP B 334 10.99 7.94 10.60
CA ASP B 334 10.99 7.42 9.26
C ASP B 334 9.65 7.62 8.57
N GLU B 335 8.57 7.69 9.38
CA GLU B 335 7.21 7.82 8.86
C GLU B 335 6.38 8.69 9.80
N ILE B 336 5.55 9.54 9.22
CA ILE B 336 4.62 10.38 9.98
C ILE B 336 3.24 10.07 9.50
N VAL B 337 2.40 9.71 10.48
CA VAL B 337 1.05 9.27 10.24
C VAL B 337 0.09 10.26 10.93
N LEU B 338 -0.66 10.96 10.11
CA LEU B 338 -1.66 11.92 10.60
C LEU B 338 -2.95 11.20 10.84
N VAL B 339 -3.51 11.40 12.03
CA VAL B 339 -4.74 10.75 12.38
C VAL B 339 -5.74 11.75 13.01
N GLY B 340 -7.02 11.50 12.81
CA GLY B 340 -8.06 12.30 13.48
C GLY B 340 -8.56 13.42 12.58
N GLY B 341 -9.84 13.73 12.75
CA GLY B 341 -10.48 14.67 11.87
C GLY B 341 -9.86 16.05 11.83
N SER B 342 -9.19 16.47 12.90
CA SER B 342 -8.67 17.83 12.95
C SER B 342 -7.38 17.97 12.14
N THR B 343 -6.75 16.86 11.77
CA THR B 343 -5.54 16.97 10.91
C THR B 343 -5.92 17.18 9.42
N ARG B 344 -7.22 17.23 9.12
CA ARG B 344 -7.68 17.69 7.81
C ARG B 344 -7.46 19.20 7.70
N ILE B 345 -7.20 19.86 8.83
CA ILE B 345 -6.97 21.31 8.87
C ILE B 345 -5.62 21.69 8.22
N PRO B 346 -5.67 22.41 7.06
CA PRO B 346 -4.48 22.82 6.33
C PRO B 346 -3.37 23.29 7.22
N LYS B 347 -3.67 24.19 8.15
CA LYS B 347 -2.64 24.71 9.05
C LYS B 347 -2.00 23.63 9.91
N ILE B 348 -2.81 22.69 10.40
CA ILE B 348 -2.27 21.61 11.20
C ILE B 348 -1.28 20.79 10.33
N GLN B 349 -1.71 20.38 9.14
CA GLN B 349 -0.88 19.66 8.17
C GLN B 349 0.40 20.42 7.88
N GLN B 350 0.26 21.74 7.75
CA GLN B 350 1.40 22.59 7.49
C GLN B 350 2.33 22.60 8.70
N LEU B 351 1.82 22.82 9.91
CA LEU B 351 2.69 22.93 11.10
C LEU B 351 3.40 21.62 11.44
N VAL B 352 2.78 20.49 11.11
CA VAL B 352 3.42 19.19 11.39
C VAL B 352 4.60 19.02 10.43
N LYS B 353 4.34 19.20 9.13
CA LYS B 353 5.36 19.10 8.08
C LYS B 353 6.51 20.06 8.31
N GLU B 354 6.16 21.26 8.76
CA GLU B 354 7.13 22.26 9.16
C GLU B 354 7.92 21.81 10.38
N PHE B 355 7.26 21.18 11.34
CA PHE B 355 7.95 20.65 12.55
C PHE B 355 8.95 19.53 12.19
N PHE B 356 8.74 18.94 11.03
CA PHE B 356 9.57 17.83 10.58
C PHE B 356 10.41 18.17 9.38
N ASN B 357 10.93 19.41 9.40
CA ASN B 357 11.81 19.94 8.38
C ASN B 357 11.38 19.55 6.96
N GLY B 358 10.08 19.67 6.73
CA GLY B 358 9.53 19.43 5.42
C GLY B 358 9.25 17.99 5.09
N LYS B 359 9.41 17.08 6.04
CA LYS B 359 9.02 15.67 5.76
C LYS B 359 7.53 15.54 5.43
N GLU B 360 7.23 14.90 4.31
CA GLU B 360 5.83 14.62 3.98
C GLU B 360 5.30 13.50 4.89
N PRO B 361 4.00 13.55 5.25
CA PRO B 361 3.43 12.45 6.03
C PRO B 361 2.79 11.44 5.07
N SER B 362 2.38 10.28 5.57
CA SER B 362 1.60 9.38 4.72
C SER B 362 0.35 10.16 4.20
N ARG B 363 -0.21 9.70 3.09
CA ARG B 363 -1.37 10.38 2.51
C ARG B 363 -2.17 9.39 1.71
N GLY B 364 -3.47 9.63 1.56
CA GLY B 364 -4.30 8.80 0.68
C GLY B 364 -5.50 8.18 1.37
N ILE B 365 -5.43 8.11 2.69
CA ILE B 365 -6.56 7.70 3.52
C ILE B 365 -7.04 8.90 4.37
N ASN B 366 -8.34 9.15 4.38
CA ASN B 366 -8.90 10.20 5.24
C ASN B 366 -8.49 9.93 6.69
N PRO B 367 -7.97 10.96 7.39
CA PRO B 367 -7.39 10.76 8.70
C PRO B 367 -8.42 10.40 9.81
N ASP B 368 -9.68 10.81 9.64
CA ASP B 368 -10.74 10.37 10.58
C ASP B 368 -11.18 8.93 10.28
N GLU B 369 -10.58 8.35 9.24
CA GLU B 369 -10.97 7.00 8.82
C GLU B 369 -9.84 5.97 8.96
N ALA B 370 -8.61 6.43 9.13
CA ALA B 370 -7.42 5.53 9.13
C ALA B 370 -7.44 4.48 10.25
N VAL B 371 -8.02 4.83 11.40
CA VAL B 371 -8.13 3.85 12.50
C VAL B 371 -9.06 2.69 12.10
N ALA B 372 -10.27 2.99 11.64
CA ALA B 372 -11.20 1.95 11.20
C ALA B 372 -10.66 1.19 9.99
N TYR B 373 -9.96 1.91 9.11
CA TYR B 373 -9.35 1.31 7.92
C TYR B 373 -8.40 0.19 8.36
N GLY B 374 -7.47 0.53 9.25
CA GLY B 374 -6.53 -0.45 9.81
C GLY B 374 -7.20 -1.59 10.56
N ALA B 375 -8.21 -1.26 11.39
CA ALA B 375 -9.07 -2.29 11.95
C ALA B 375 -9.69 -3.24 10.88
N ALA B 376 -10.19 -2.69 9.79
CA ALA B 376 -10.80 -3.47 8.68
C ALA B 376 -9.83 -4.35 7.92
N VAL B 377 -8.60 -3.87 7.76
CA VAL B 377 -7.50 -4.71 7.28
C VAL B 377 -7.36 -5.99 8.10
N GLN B 378 -7.29 -5.88 9.43
CA GLN B 378 -7.18 -7.06 10.29
C GLN B 378 -8.44 -7.90 10.27
N ALA B 379 -9.59 -7.21 10.25
CA ALA B 379 -10.90 -7.86 10.14
C ALA B 379 -10.96 -8.77 8.89
N GLY B 380 -10.32 -8.32 7.80
CA GLY B 380 -10.34 -9.06 6.56
C GLY B 380 -9.64 -10.41 6.65
N VAL B 381 -8.51 -10.42 7.34
CA VAL B 381 -7.69 -11.62 7.50
C VAL B 381 -8.46 -12.62 8.33
N LEU B 382 -9.20 -12.10 9.32
CA LEU B 382 -10.02 -12.93 10.19
C LEU B 382 -11.29 -13.44 9.53
N SER B 383 -11.76 -12.79 8.47
CA SER B 383 -12.97 -13.23 7.76
C SER B 383 -12.69 -14.39 6.77
PG ANP C . 13.75 -9.06 -19.56
O1G ANP C . 14.27 -7.72 -19.93
O2G ANP C . 15.03 -10.06 -19.72
O3G ANP C . 12.58 -9.49 -20.41
PB ANP C . 12.94 -10.31 -17.11
O1B ANP C . 11.71 -10.02 -16.27
O2B ANP C . 12.94 -11.52 -18.02
N3B ANP C . 13.38 -8.90 -17.95
PA ANP C . 14.44 -9.81 -14.70
O1A ANP C . 14.22 -10.80 -13.62
O2A ANP C . 13.74 -8.49 -14.63
O3A ANP C . 14.19 -10.54 -16.13
O5' ANP C . 16.00 -9.51 -14.77
C5' ANP C . 16.91 -10.52 -15.00
C4' ANP C . 18.28 -10.00 -14.85
O4' ANP C . 18.41 -9.45 -13.45
C3' ANP C . 19.30 -11.17 -14.92
O3' ANP C . 20.40 -10.80 -15.77
C2' ANP C . 19.78 -11.31 -13.48
O2' ANP C . 21.16 -11.77 -13.48
C1' ANP C . 19.69 -9.87 -12.99
N9 ANP C . 19.74 -9.77 -11.48
C8 ANP C . 18.86 -10.33 -10.62
N7 ANP C . 19.25 -10.02 -9.37
C5 ANP C . 20.32 -9.24 -9.44
C6 ANP C . 21.12 -8.65 -8.47
N6 ANP C . 20.84 -8.81 -7.17
N1 ANP C . 22.19 -7.89 -8.86
C2 ANP C . 22.48 -7.72 -10.23
N3 ANP C . 21.71 -8.32 -11.15
C4 ANP C . 20.63 -9.08 -10.78
PG ANP D . -11.39 11.75 19.62
O1G ANP D . -10.12 12.63 19.93
O2G ANP D . -12.60 12.73 19.72
O3G ANP D . -11.53 10.58 20.55
PB ANP D . -12.56 10.70 17.24
O1B ANP D . -12.18 9.48 16.42
O2B ANP D . -13.68 10.58 18.22
N3B ANP D . -11.19 11.29 17.99
PA ANP D . -12.39 12.19 14.67
O1A ANP D . -13.44 11.77 13.71
O2A ANP D . -11.04 11.68 14.54
O3A ANP D . -12.97 11.93 16.22
O5' ANP D . -12.30 13.72 14.64
C5' ANP D . -13.41 14.55 15.11
C4' ANP D . -13.05 16.06 14.94
O4' ANP D . -12.53 16.26 13.57
C3' ANP D . -14.33 16.95 15.05
O3' ANP D . -14.01 18.09 15.81
C2' ANP D . -14.60 17.34 13.63
O2' ANP D . -15.27 18.62 13.61
C1' ANP D . -13.20 17.48 13.10
N9 ANP D . -13.20 17.52 11.58
C8 ANP D . -13.78 16.63 10.78
N7 ANP D . -13.56 16.99 9.51
C5 ANP D . -12.83 18.10 9.52
C6 ANP D . -12.36 18.91 8.50
N6 ANP D . -12.58 18.61 7.23
N1 ANP D . -11.61 20.00 8.81
C2 ANP D . -11.39 20.33 10.16
N3 ANP D . -11.87 19.55 11.13
C4 ANP D . -12.59 18.43 10.83
#